data_8VUO
#
_entry.id   8VUO
#
_cell.length_a   111.747
_cell.length_b   58.893
_cell.length_c   117.021
_cell.angle_alpha   90.000
_cell.angle_beta   95.481
_cell.angle_gamma   90.000
#
_symmetry.space_group_name_H-M   'P 1 21 1'
#
loop_
_entity.id
_entity.type
_entity.pdbx_description
1 polymer "2'-O-methyltransferase"
2 polymer 'Non-structural protein 10'
3 polymer "RNA (5'-R(*AP*UP*UP*AP*AP*AP*GP*GP*UP*U)-3')"
4 non-polymer 'MAGNESIUM ION'
5 non-polymer S-ADENOSYL-L-HOMOCYSTEINE
6 non-polymer 1,2-ETHANEDIOL
7 non-polymer 'ZINC ION'
8 non-polymer "7N-METHYL-8-HYDROGUANOSINE-5'-DIPHOSPHATE"
9 water water
#
loop_
_entity_poly.entity_id
_entity_poly.type
_entity_poly.pdbx_seq_one_letter_code
_entity_poly.pdbx_strand_id
1 'polypeptide(L)'
;SSQAWQPGVAMPNLYKMQRMLLEKCDLQNYGDSATLPKGIMMNVAKYTQLCQYLNTLTLAVPYNMRVIHFGAGSDKGVAP
GTAVLRQWLPTGTLLVDSDLNDFVSDADSTLIGDCATVHTANKWDLIISDMYDPKTKNVTKENDSKEGFFTYICGFIQQK
LALGGSVAIKITEHSWNADLYKLMGHFAWWTAFVTNVNASSSEAFLIGCNYLGKPREQIDGYVMHANYIFWRNTNPIQLS
SYSLFDMSKFPLKLRGTAVMSLKEGQINDMILSLLSKGRLIIRENNRVVISSDVLVNN
;
A,C
2 'polypeptide(L)'
;AGNATEVPANSTVLSFCAFAVDAAKAYKDYLASGGQPITNCVKMLCTHTGTGQAITVTPEANMDQESFGGASCCLYCRCH
IDHPNPKGFCDLKGKYVQIPTTCANDPVGFTLKNTVCTVCGMWKGYGCSCDQLREPMLQ
;
B,D
3 'polyribonucleotide' (A2M)UUAAAGGUU E,F
#
loop_
_chem_comp.id
_chem_comp.type
_chem_comp.name
_chem_comp.formula
A RNA linking ADENOSINE-5'-MONOPHOSPHATE 'C10 H14 N5 O7 P'
A2M RNA linking '2'-O-methyladenosine 5'-(dihydrogen phosphate)' 'C11 H16 N5 O7 P'
EDO non-polymer 1,2-ETHANEDIOL 'C2 H6 O2'
G RNA linking GUANOSINE-5'-MONOPHOSPHATE 'C10 H14 N5 O8 P'
M7G non-polymer 7N-METHYL-8-HYDROGUANOSINE-5'-DIPHOSPHATE 'C11 H18 N5 O11 P2 1'
MG non-polymer 'MAGNESIUM ION' 'Mg 2'
SAH non-polymer S-ADENOSYL-L-HOMOCYSTEINE 'C14 H20 N6 O5 S'
U RNA linking URIDINE-5'-MONOPHOSPHATE 'C9 H13 N2 O9 P'
ZN non-polymer 'ZINC ION' 'Zn 2'
#
# COMPACT_ATOMS: atom_id res chain seq x y z
N SER A 2 -9.32 5.58 -10.24
CA SER A 2 -9.29 4.52 -9.25
C SER A 2 -8.75 3.22 -9.83
N GLN A 3 -8.39 3.24 -11.13
CA GLN A 3 -7.97 2.01 -11.80
C GLN A 3 -6.74 1.39 -11.16
N ALA A 4 -5.82 2.22 -10.64
CA ALA A 4 -4.61 1.69 -10.02
C ALA A 4 -4.91 1.00 -8.69
N TRP A 5 -6.07 1.26 -8.09
CA TRP A 5 -6.45 0.64 -6.83
C TRP A 5 -7.29 -0.62 -7.02
N GLN A 6 -7.72 -0.92 -8.24
CA GLN A 6 -8.43 -2.15 -8.52
C GLN A 6 -7.43 -3.31 -8.62
N PRO A 7 -7.90 -4.56 -8.49
CA PRO A 7 -6.99 -5.69 -8.74
C PRO A 7 -6.54 -5.79 -10.19
N GLY A 8 -7.30 -5.25 -11.13
CA GLY A 8 -6.88 -5.29 -12.51
C GLY A 8 -7.90 -4.59 -13.38
N VAL A 9 -7.82 -4.87 -14.68
CA VAL A 9 -8.67 -4.21 -15.67
C VAL A 9 -9.35 -5.29 -16.52
N ALA A 10 -10.64 -5.14 -16.71
CA ALA A 10 -11.43 -6.05 -17.52
C ALA A 10 -11.64 -5.46 -18.91
N MET A 11 -11.69 -6.34 -19.90
CA MET A 11 -11.91 -5.93 -21.29
C MET A 11 -13.28 -5.27 -21.42
N PRO A 12 -13.35 -4.00 -21.83
CA PRO A 12 -14.66 -3.36 -21.95
C PRO A 12 -15.53 -4.05 -22.98
N ASN A 13 -16.85 -4.00 -22.75
CA ASN A 13 -17.80 -4.57 -23.69
C ASN A 13 -17.69 -3.91 -25.06
N LEU A 14 -17.32 -2.63 -25.08
CA LEU A 14 -17.13 -1.90 -26.33
C LEU A 14 -16.13 -2.60 -27.24
N TYR A 15 -15.07 -3.16 -26.66
CA TYR A 15 -14.02 -3.81 -27.45
C TYR A 15 -14.37 -5.25 -27.83
N LYS A 16 -15.23 -5.92 -27.08
CA LYS A 16 -15.64 -7.27 -27.46
C LYS A 16 -16.47 -7.28 -28.74
N MET A 17 -17.18 -6.20 -29.02
CA MET A 17 -18.12 -6.15 -30.12
C MET A 17 -17.50 -5.66 -31.43
N GLN A 18 -16.19 -5.42 -31.46
CA GLN A 18 -15.52 -4.96 -32.66
C GLN A 18 -15.31 -6.12 -33.63
N ARG A 19 -14.71 -5.81 -34.80
CA ARG A 19 -14.36 -6.82 -35.80
C ARG A 19 -12.97 -6.50 -36.35
N MET A 20 -11.96 -6.66 -35.49
CA MET A 20 -10.59 -6.34 -35.85
C MET A 20 -9.91 -7.55 -36.46
N LEU A 21 -8.84 -7.28 -37.21
CA LEU A 21 -7.92 -8.31 -37.67
C LEU A 21 -6.78 -8.46 -36.67
N LEU A 22 -6.23 -9.67 -36.58
CA LEU A 22 -5.15 -9.94 -35.64
C LEU A 22 -3.89 -9.18 -36.01
N GLU A 23 -3.40 -8.35 -35.08
CA GLU A 23 -2.16 -7.61 -35.21
C GLU A 23 -1.16 -8.05 -34.15
N LYS A 24 0.07 -7.58 -34.31
CA LYS A 24 1.09 -7.77 -33.31
C LYS A 24 0.78 -6.93 -32.08
N CYS A 25 0.99 -7.52 -30.90
CA CYS A 25 0.79 -6.79 -29.65
C CYS A 25 2.00 -5.92 -29.38
N ASP A 26 1.77 -4.61 -29.20
CA ASP A 26 2.85 -3.65 -28.99
C ASP A 26 2.50 -2.83 -27.74
N LEU A 27 2.81 -3.40 -26.57
CA LEU A 27 2.53 -2.72 -25.31
C LEU A 27 3.59 -1.66 -25.04
N GLN A 28 3.16 -0.49 -24.61
CA GLN A 28 4.10 0.62 -24.40
C GLN A 28 5.09 0.28 -23.29
N ASN A 29 4.62 -0.39 -22.23
CA ASN A 29 5.45 -0.72 -21.08
C ASN A 29 5.88 -2.18 -21.08
N TYR A 30 5.96 -2.80 -22.25
CA TYR A 30 6.15 -4.24 -22.34
C TYR A 30 7.41 -4.68 -21.61
N GLY A 31 7.28 -5.74 -20.80
CA GLY A 31 8.39 -6.29 -20.07
C GLY A 31 8.72 -5.60 -18.77
N ASP A 32 8.16 -4.42 -18.51
CA ASP A 32 8.46 -3.70 -17.28
C ASP A 32 8.14 -4.56 -16.06
N SER A 33 8.98 -4.46 -15.04
CA SER A 33 8.79 -5.20 -13.80
C SER A 33 8.18 -4.29 -12.74
N ALA A 34 7.23 -4.82 -11.99
CA ALA A 34 6.66 -4.10 -10.87
C ALA A 34 7.37 -4.49 -9.59
N THR A 35 7.50 -3.53 -8.69
CA THR A 35 8.02 -3.82 -7.36
C THR A 35 6.85 -4.23 -6.47
N LEU A 36 6.96 -5.40 -5.88
CA LEU A 36 5.93 -5.99 -5.04
C LEU A 36 6.28 -5.82 -3.57
N PRO A 37 5.33 -6.02 -2.66
CA PRO A 37 5.67 -6.05 -1.24
C PRO A 37 6.85 -6.99 -0.98
N LYS A 38 7.68 -6.62 -0.01
CA LYS A 38 8.95 -7.29 0.19
C LYS A 38 8.75 -8.79 0.38
N GLY A 39 9.45 -9.58 -0.43
CA GLY A 39 9.45 -11.02 -0.30
C GLY A 39 8.26 -11.73 -0.90
N ILE A 40 7.41 -11.03 -1.64
CA ILE A 40 6.22 -11.64 -2.23
C ILE A 40 6.54 -12.07 -3.65
N MET A 41 6.21 -13.32 -3.97
CA MET A 41 6.45 -13.85 -5.31
C MET A 41 5.48 -13.24 -6.32
N MET A 42 5.94 -13.14 -7.56
CA MET A 42 5.10 -12.65 -8.66
C MET A 42 3.77 -13.38 -8.69
N ASN A 43 3.78 -14.71 -8.56
CA ASN A 43 2.53 -15.44 -8.70
C ASN A 43 1.62 -15.29 -7.48
N VAL A 44 2.18 -15.08 -6.29
CA VAL A 44 1.34 -14.76 -5.14
C VAL A 44 0.57 -13.47 -5.40
N ALA A 45 1.27 -12.45 -5.91
CA ALA A 45 0.61 -11.18 -6.22
C ALA A 45 -0.43 -11.36 -7.32
N LYS A 46 -0.05 -12.07 -8.39
CA LYS A 46 -0.93 -12.24 -9.54
C LYS A 46 -2.20 -13.01 -9.17
N TYR A 47 -2.04 -14.15 -8.49
CA TYR A 47 -3.20 -14.95 -8.10
C TYR A 47 -4.05 -14.23 -7.06
N THR A 48 -3.41 -13.46 -6.16
CA THR A 48 -4.19 -12.67 -5.21
C THR A 48 -5.07 -11.65 -5.92
N GLN A 49 -4.53 -10.97 -6.93
CA GLN A 49 -5.36 -10.01 -7.65
C GLN A 49 -6.45 -10.71 -8.45
N LEU A 50 -6.13 -11.86 -9.06
CA LEU A 50 -7.15 -12.62 -9.76
C LEU A 50 -8.30 -12.99 -8.83
N CYS A 51 -7.98 -13.47 -7.62
CA CYS A 51 -9.03 -13.82 -6.68
C CYS A 51 -9.77 -12.59 -6.18
N GLN A 52 -9.08 -11.46 -6.01
CA GLN A 52 -9.75 -10.23 -5.64
C GLN A 52 -10.77 -9.83 -6.68
N TYR A 53 -10.44 -10.01 -7.96
CA TYR A 53 -11.39 -9.70 -9.02
C TYR A 53 -12.53 -10.71 -9.04
N LEU A 54 -12.23 -12.00 -8.87
CA LEU A 54 -13.27 -13.02 -8.81
C LEU A 54 -14.24 -12.74 -7.67
N ASN A 55 -13.76 -12.16 -6.57
CA ASN A 55 -14.63 -11.76 -5.46
C ASN A 55 -15.75 -10.82 -5.89
N THR A 56 -15.56 -10.06 -6.97
CA THR A 56 -16.59 -9.12 -7.42
C THR A 56 -17.61 -9.73 -8.37
N LEU A 57 -17.49 -11.02 -8.70
CA LEU A 57 -18.39 -11.70 -9.62
C LEU A 57 -19.35 -12.61 -8.86
N THR A 58 -20.31 -13.18 -9.59
CA THR A 58 -21.34 -14.02 -8.98
C THR A 58 -20.95 -15.50 -9.05
N LEU A 59 -19.82 -15.82 -8.43
CA LEU A 59 -19.37 -17.20 -8.38
C LEU A 59 -20.24 -18.03 -7.44
N ALA A 60 -20.65 -19.21 -7.91
CA ALA A 60 -21.33 -20.15 -7.03
C ALA A 60 -20.33 -20.75 -6.05
N VAL A 61 -20.67 -20.74 -4.76
CA VAL A 61 -19.77 -21.26 -3.74
C VAL A 61 -20.53 -22.29 -2.91
N PRO A 62 -20.59 -23.53 -3.34
CA PRO A 62 -21.32 -24.55 -2.59
C PRO A 62 -20.52 -25.08 -1.41
N TYR A 63 -21.22 -25.77 -0.52
CA TYR A 63 -20.56 -26.61 0.46
C TYR A 63 -19.86 -27.76 -0.27
N ASN A 64 -18.67 -28.11 0.20
CA ASN A 64 -17.85 -29.13 -0.46
C ASN A 64 -17.56 -28.74 -1.92
N MET A 65 -17.06 -27.51 -2.09
CA MET A 65 -16.72 -27.01 -3.41
C MET A 65 -15.63 -27.89 -4.03
N ARG A 66 -15.62 -27.92 -5.37
CA ARG A 66 -14.62 -28.67 -6.14
C ARG A 66 -13.88 -27.71 -7.07
N VAL A 67 -12.59 -27.52 -6.81
CA VAL A 67 -11.75 -26.62 -7.58
C VAL A 67 -10.56 -27.40 -8.11
N ILE A 68 -10.27 -27.24 -9.39
CA ILE A 68 -9.11 -27.88 -10.00
C ILE A 68 -8.24 -26.82 -10.66
N HIS A 69 -6.92 -26.99 -10.53
CA HIS A 69 -5.94 -25.97 -10.91
C HIS A 69 -4.86 -26.61 -11.78
N PHE A 70 -4.93 -26.37 -13.09
CA PHE A 70 -3.91 -26.85 -14.02
C PHE A 70 -2.79 -25.83 -14.14
N GLY A 71 -1.59 -26.31 -14.46
CA GLY A 71 -0.43 -25.46 -14.53
C GLY A 71 0.02 -24.90 -13.20
N ALA A 72 -0.14 -25.68 -12.13
CA ALA A 72 0.15 -25.21 -10.78
C ALA A 72 1.62 -25.36 -10.39
N GLY A 73 2.41 -26.10 -11.15
CA GLY A 73 3.83 -26.19 -10.89
C GLY A 73 4.56 -24.94 -11.35
N SER A 74 5.85 -24.90 -11.05
CA SER A 74 6.69 -23.80 -11.49
C SER A 74 8.14 -24.25 -11.47
N ASP A 75 8.99 -23.47 -12.13
CA ASP A 75 10.42 -23.74 -12.15
C ASP A 75 11.07 -23.68 -10.77
N LYS A 76 10.38 -23.14 -9.76
CA LYS A 76 10.89 -23.11 -8.40
C LYS A 76 10.57 -24.39 -7.62
N GLY A 77 9.79 -25.31 -8.19
CA GLY A 77 9.41 -26.51 -7.48
C GLY A 77 8.32 -26.34 -6.46
N VAL A 78 7.73 -25.15 -6.35
CA VAL A 78 6.63 -24.88 -5.43
C VAL A 78 5.43 -24.41 -6.24
N ALA A 79 4.34 -24.07 -5.55
CA ALA A 79 3.08 -23.72 -6.20
C ALA A 79 2.46 -22.51 -5.49
N PRO A 80 2.99 -21.31 -5.74
CA PRO A 80 2.42 -20.12 -5.08
C PRO A 80 0.95 -19.89 -5.41
N GLY A 81 0.56 -20.09 -6.67
CA GLY A 81 -0.83 -19.93 -7.04
C GLY A 81 -1.75 -20.84 -6.26
N THR A 82 -1.33 -22.09 -6.05
CA THR A 82 -2.14 -23.00 -5.26
C THR A 82 -2.25 -22.52 -3.81
N ALA A 83 -1.17 -21.95 -3.27
CA ALA A 83 -1.22 -21.42 -1.91
C ALA A 83 -2.20 -20.26 -1.80
N VAL A 84 -2.23 -19.38 -2.81
CA VAL A 84 -3.21 -18.30 -2.82
C VAL A 84 -4.62 -18.85 -2.91
N LEU A 85 -4.84 -19.82 -3.80
CA LEU A 85 -6.17 -20.41 -3.93
C LEU A 85 -6.62 -21.07 -2.62
N ARG A 86 -5.71 -21.74 -1.93
CA ARG A 86 -6.04 -22.38 -0.66
C ARG A 86 -6.37 -21.34 0.40
N GLN A 87 -5.69 -20.20 0.38
CA GLN A 87 -6.03 -19.10 1.28
C GLN A 87 -7.40 -18.53 0.96
N TRP A 88 -7.73 -18.44 -0.33
CA TRP A 88 -8.93 -17.77 -0.80
C TRP A 88 -10.18 -18.62 -0.61
N LEU A 89 -10.09 -19.92 -0.93
CA LEU A 89 -11.26 -20.78 -0.97
C LEU A 89 -11.75 -21.13 0.44
N PRO A 90 -13.05 -21.38 0.59
CA PRO A 90 -13.58 -21.74 1.91
C PRO A 90 -12.91 -23.00 2.45
N THR A 91 -12.78 -23.06 3.77
CA THR A 91 -12.21 -24.23 4.42
C THR A 91 -13.05 -25.47 4.11
N GLY A 92 -12.36 -26.58 3.81
CA GLY A 92 -13.03 -27.79 3.39
C GLY A 92 -13.22 -27.92 1.89
N THR A 93 -12.94 -26.87 1.12
CA THR A 93 -13.01 -26.97 -0.33
C THR A 93 -11.98 -27.94 -0.85
N LEU A 94 -12.41 -28.86 -1.71
CA LEU A 94 -11.48 -29.78 -2.35
C LEU A 94 -10.68 -29.01 -3.39
N LEU A 95 -9.36 -28.98 -3.22
CA LEU A 95 -8.47 -28.29 -4.14
C LEU A 95 -7.49 -29.32 -4.71
N VAL A 96 -7.57 -29.53 -6.02
CA VAL A 96 -6.71 -30.44 -6.75
C VAL A 96 -5.92 -29.62 -7.75
N ASP A 97 -4.62 -29.83 -7.81
CA ASP A 97 -3.81 -29.13 -8.79
C ASP A 97 -2.98 -30.13 -9.58
N SER A 98 -2.35 -29.63 -10.64
CA SER A 98 -1.75 -30.50 -11.64
C SER A 98 -0.71 -29.72 -12.42
N ASP A 99 0.30 -30.44 -12.90
CA ASP A 99 1.31 -29.85 -13.76
C ASP A 99 2.13 -30.95 -14.40
N LEU A 100 2.77 -30.59 -15.52
CA LEU A 100 3.61 -31.53 -16.25
C LEU A 100 4.78 -32.02 -15.40
N ASN A 101 5.39 -31.11 -14.63
CA ASN A 101 6.61 -31.42 -13.88
C ASN A 101 6.30 -31.49 -12.39
N ASP A 102 7.14 -32.23 -11.66
CA ASP A 102 6.92 -32.43 -10.24
C ASP A 102 7.12 -31.13 -9.47
N PHE A 103 6.37 -30.99 -8.38
CA PHE A 103 6.41 -29.81 -7.53
C PHE A 103 5.71 -30.15 -6.21
N VAL A 104 5.93 -29.30 -5.21
CA VAL A 104 5.30 -29.47 -3.90
C VAL A 104 4.16 -28.45 -3.78
N SER A 105 3.04 -28.89 -3.21
CA SER A 105 1.82 -28.10 -3.22
C SER A 105 1.05 -28.28 -1.92
N ASP A 106 0.22 -27.28 -1.62
CA ASP A 106 -0.69 -27.33 -0.47
C ASP A 106 -2.08 -27.82 -0.85
N ALA A 107 -2.24 -28.39 -2.05
CA ALA A 107 -3.52 -28.90 -2.52
C ALA A 107 -3.82 -30.27 -1.88
N ASP A 108 -5.08 -30.68 -1.98
CA ASP A 108 -5.48 -31.96 -1.40
C ASP A 108 -4.87 -33.13 -2.18
N SER A 109 -4.84 -33.03 -3.51
CA SER A 109 -4.17 -34.00 -4.36
C SER A 109 -3.43 -33.24 -5.45
N THR A 110 -2.25 -33.74 -5.81
CA THR A 110 -1.41 -33.16 -6.85
C THR A 110 -1.19 -34.22 -7.92
N LEU A 111 -1.58 -33.90 -9.16
CA LEU A 111 -1.52 -34.83 -10.28
C LEU A 111 -0.39 -34.43 -11.21
N ILE A 112 0.60 -35.30 -11.36
CA ILE A 112 1.77 -35.00 -12.18
C ILE A 112 1.61 -35.67 -13.53
N GLY A 113 1.94 -34.94 -14.60
CA GLY A 113 1.84 -35.44 -15.95
C GLY A 113 1.15 -34.45 -16.86
N ASP A 114 1.18 -34.77 -18.16
CA ASP A 114 0.45 -33.98 -19.14
C ASP A 114 -1.03 -33.95 -18.78
N CYS A 115 -1.64 -32.77 -18.92
CA CYS A 115 -3.03 -32.61 -18.50
C CYS A 115 -3.97 -33.58 -19.21
N ALA A 116 -3.60 -34.00 -20.42
CA ALA A 116 -4.41 -34.97 -21.16
C ALA A 116 -4.46 -36.33 -20.46
N THR A 117 -3.56 -36.60 -19.53
CA THR A 117 -3.58 -37.84 -18.76
C THR A 117 -4.47 -37.76 -17.52
N VAL A 118 -5.07 -36.60 -17.25
CA VAL A 118 -5.94 -36.44 -16.10
C VAL A 118 -7.31 -37.00 -16.42
N HIS A 119 -7.75 -37.97 -15.62
CA HIS A 119 -9.04 -38.63 -15.80
C HIS A 119 -9.86 -38.52 -14.53
N THR A 120 -11.15 -38.27 -14.69
CA THR A 120 -12.07 -38.23 -13.55
C THR A 120 -13.50 -38.32 -14.07
N ALA A 121 -14.36 -38.98 -13.30
CA ALA A 121 -15.77 -38.96 -13.64
C ALA A 121 -16.47 -37.73 -13.07
N ASN A 122 -15.84 -37.04 -12.12
CA ASN A 122 -16.49 -35.97 -11.38
C ASN A 122 -16.49 -34.66 -12.14
N LYS A 123 -17.53 -33.86 -11.92
CA LYS A 123 -17.60 -32.51 -12.43
C LYS A 123 -17.11 -31.53 -11.37
N TRP A 124 -16.67 -30.36 -11.82
CA TRP A 124 -15.97 -29.40 -10.98
C TRP A 124 -16.71 -28.07 -10.95
N ASP A 125 -16.52 -27.32 -9.86
CA ASP A 125 -17.18 -26.04 -9.70
C ASP A 125 -16.31 -24.88 -10.15
N LEU A 126 -14.99 -25.02 -10.09
CA LEU A 126 -14.12 -23.94 -10.53
C LEU A 126 -12.87 -24.53 -11.18
N ILE A 127 -12.53 -24.02 -12.36
CA ILE A 127 -11.38 -24.48 -13.13
C ILE A 127 -10.42 -23.30 -13.30
N ILE A 128 -9.26 -23.38 -12.68
CA ILE A 128 -8.20 -22.39 -12.86
C ILE A 128 -7.10 -23.03 -13.69
N SER A 129 -6.68 -22.35 -14.75
CA SER A 129 -5.58 -22.84 -15.56
C SER A 129 -4.54 -21.75 -15.77
N ASP A 130 -3.29 -22.05 -15.43
CA ASP A 130 -2.16 -21.18 -15.71
C ASP A 130 -1.19 -21.81 -16.70
N MET A 131 -1.66 -22.81 -17.44
CA MET A 131 -0.78 -23.55 -18.34
C MET A 131 -0.26 -22.66 -19.47
N TYR A 132 0.97 -22.95 -19.89
CA TYR A 132 1.62 -22.22 -20.98
C TYR A 132 2.68 -23.13 -21.57
N ASP A 133 2.62 -23.33 -22.88
CA ASP A 133 3.60 -24.18 -23.56
C ASP A 133 4.87 -23.38 -23.79
N PRO A 134 6.03 -23.81 -23.27
CA PRO A 134 7.26 -23.03 -23.48
C PRO A 134 7.59 -22.80 -24.95
N LYS A 135 7.29 -23.76 -25.82
CA LYS A 135 7.56 -23.60 -27.23
C LYS A 135 6.79 -22.43 -27.85
N THR A 136 5.78 -21.91 -27.14
CA THR A 136 5.08 -20.71 -27.62
C THR A 136 6.06 -19.56 -27.82
N LYS A 137 7.15 -19.53 -27.04
CA LYS A 137 8.15 -18.48 -27.20
C LYS A 137 8.89 -18.58 -28.54
N ASN A 138 8.94 -19.75 -29.16
CA ASN A 138 9.65 -19.90 -30.42
C ASN A 138 9.04 -19.03 -31.51
N VAL A 139 9.90 -18.42 -32.33
CA VAL A 139 9.44 -17.55 -33.39
C VAL A 139 8.64 -18.35 -34.41
N THR A 140 7.51 -17.77 -34.85
CA THR A 140 6.64 -18.43 -35.81
C THR A 140 6.23 -17.41 -36.87
N LYS A 141 5.74 -17.94 -38.00
CA LYS A 141 5.36 -17.07 -39.11
C LYS A 141 4.11 -16.27 -38.77
N GLU A 142 3.03 -16.96 -38.41
CA GLU A 142 1.76 -16.32 -38.10
C GLU A 142 1.27 -16.77 -36.73
N ASN A 143 0.52 -15.89 -36.07
CA ASN A 143 -0.03 -16.16 -34.74
C ASN A 143 -1.36 -16.89 -34.91
N ASP A 144 -1.28 -18.21 -35.04
CA ASP A 144 -2.45 -19.05 -35.26
C ASP A 144 -3.00 -19.59 -33.94
N SER A 145 -4.25 -20.02 -33.97
CA SER A 145 -4.86 -20.65 -32.81
C SER A 145 -4.06 -21.88 -32.41
N LYS A 146 -3.81 -22.01 -31.11
CA LYS A 146 -2.97 -23.08 -30.58
C LYS A 146 -3.82 -24.24 -30.09
N GLU A 147 -3.33 -25.46 -30.29
CA GLU A 147 -4.01 -26.62 -29.75
C GLU A 147 -3.37 -27.02 -28.42
N GLY A 148 -2.78 -28.21 -28.36
CA GLY A 148 -2.17 -28.67 -27.12
C GLY A 148 -3.17 -28.69 -25.99
N PHE A 149 -2.74 -28.18 -24.83
CA PHE A 149 -3.57 -28.27 -23.63
C PHE A 149 -4.91 -27.56 -23.81
N PHE A 150 -4.95 -26.50 -24.63
CA PHE A 150 -6.22 -25.82 -24.89
C PHE A 150 -7.28 -26.80 -25.37
N THR A 151 -6.91 -27.70 -26.30
CA THR A 151 -7.82 -28.75 -26.72
C THR A 151 -8.39 -29.46 -25.51
N TYR A 152 -7.51 -30.01 -24.66
CA TYR A 152 -7.95 -30.68 -23.45
C TYR A 152 -8.86 -29.77 -22.63
N ILE A 153 -8.46 -28.51 -22.45
CA ILE A 153 -9.23 -27.59 -21.62
C ILE A 153 -10.63 -27.43 -22.19
N CYS A 154 -10.72 -27.28 -23.52
CA CYS A 154 -12.04 -27.12 -24.13
C CYS A 154 -12.91 -28.34 -23.90
N GLY A 155 -12.30 -29.53 -23.87
CA GLY A 155 -13.07 -30.71 -23.53
C GLY A 155 -13.50 -30.70 -22.08
N PHE A 156 -12.58 -30.31 -21.19
CA PHE A 156 -12.87 -30.36 -19.76
C PHE A 156 -14.07 -29.48 -19.42
N ILE A 157 -14.02 -28.22 -19.85
CA ILE A 157 -15.14 -27.30 -19.64
C ILE A 157 -16.44 -27.92 -20.16
N GLN A 158 -16.39 -28.61 -21.29
CA GLN A 158 -17.63 -29.10 -21.86
C GLN A 158 -18.08 -30.41 -21.25
N GLN A 159 -17.19 -31.14 -20.57
CA GLN A 159 -17.53 -32.45 -20.06
C GLN A 159 -17.51 -32.53 -18.55
N LYS A 160 -16.66 -31.76 -17.88
CA LYS A 160 -16.41 -31.92 -16.45
C LYS A 160 -16.65 -30.64 -15.66
N LEU A 161 -17.28 -29.63 -16.24
CA LEU A 161 -17.62 -28.42 -15.51
C LEU A 161 -19.11 -28.43 -15.18
N ALA A 162 -19.42 -28.29 -13.90
CA ALA A 162 -20.81 -28.27 -13.47
C ALA A 162 -21.52 -27.03 -14.01
N LEU A 163 -22.82 -27.17 -14.27
CA LEU A 163 -23.63 -26.01 -14.59
C LEU A 163 -23.63 -25.05 -13.41
N GLY A 164 -23.39 -23.77 -13.68
CA GLY A 164 -23.17 -22.80 -12.64
C GLY A 164 -21.71 -22.58 -12.26
N GLY A 165 -20.83 -23.49 -12.66
CA GLY A 165 -19.42 -23.36 -12.35
C GLY A 165 -18.76 -22.26 -13.17
N SER A 166 -17.50 -21.98 -12.82
CA SER A 166 -16.74 -20.90 -13.45
C SER A 166 -15.33 -21.39 -13.80
N VAL A 167 -14.69 -20.61 -14.68
CA VAL A 167 -13.33 -20.87 -15.13
C VAL A 167 -12.55 -19.57 -15.21
N ALA A 168 -11.23 -19.69 -15.05
CA ALA A 168 -10.27 -18.63 -15.37
C ALA A 168 -9.08 -19.29 -16.05
N ILE A 169 -8.93 -19.05 -17.35
CA ILE A 169 -7.92 -19.70 -18.18
C ILE A 169 -6.93 -18.64 -18.65
N LYS A 170 -5.64 -18.86 -18.38
CA LYS A 170 -4.63 -17.89 -18.79
C LYS A 170 -4.32 -18.00 -20.27
N ILE A 171 -4.23 -16.85 -20.93
CA ILE A 171 -3.83 -16.75 -22.32
C ILE A 171 -2.85 -15.59 -22.46
N THR A 172 -2.14 -15.58 -23.59
CA THR A 172 -1.24 -14.48 -23.95
C THR A 172 -1.50 -14.13 -25.41
N GLU A 173 -0.69 -13.22 -25.95
CA GLU A 173 -0.82 -12.86 -27.36
C GLU A 173 -0.70 -14.09 -28.25
N HIS A 174 0.27 -14.96 -27.96
CA HIS A 174 0.54 -16.13 -28.79
C HIS A 174 0.02 -17.42 -28.19
N SER A 175 -0.33 -17.44 -26.91
CA SER A 175 -0.89 -18.62 -26.26
C SER A 175 -2.40 -18.44 -26.15
N TRP A 176 -3.12 -18.85 -27.19
CA TRP A 176 -4.56 -18.64 -27.22
C TRP A 176 -5.19 -19.72 -28.09
N ASN A 177 -6.52 -19.79 -28.03
CA ASN A 177 -7.27 -20.81 -28.75
C ASN A 177 -8.65 -20.26 -29.09
N ALA A 178 -9.00 -20.33 -30.38
CA ALA A 178 -10.28 -19.76 -30.82
C ALA A 178 -11.47 -20.46 -30.17
N ASP A 179 -11.39 -21.78 -30.00
CA ASP A 179 -12.52 -22.48 -29.42
C ASP A 179 -12.75 -22.11 -27.95
N LEU A 180 -11.69 -21.78 -27.23
CA LEU A 180 -11.86 -21.33 -25.85
C LEU A 180 -12.64 -20.02 -25.79
N TYR A 181 -12.27 -19.06 -26.65
CA TYR A 181 -13.04 -17.83 -26.76
C TYR A 181 -14.49 -18.14 -27.09
N LYS A 182 -14.72 -19.08 -28.02
CA LYS A 182 -16.09 -19.40 -28.42
C LYS A 182 -16.87 -19.99 -27.26
N LEU A 183 -16.22 -20.83 -26.45
CA LEU A 183 -16.86 -21.41 -25.27
C LEU A 183 -17.18 -20.35 -24.23
N MET A 184 -16.42 -19.25 -24.21
CA MET A 184 -16.74 -18.16 -23.28
C MET A 184 -18.18 -17.69 -23.42
N GLY A 185 -18.76 -17.81 -24.63
CA GLY A 185 -20.16 -17.48 -24.83
C GLY A 185 -21.15 -18.50 -24.29
N HIS A 186 -20.68 -19.59 -23.71
CA HIS A 186 -21.54 -20.56 -23.06
C HIS A 186 -21.71 -20.30 -21.57
N PHE A 187 -21.17 -19.19 -21.07
CA PHE A 187 -21.33 -18.79 -19.67
C PHE A 187 -22.32 -17.64 -19.58
N ALA A 188 -22.83 -17.42 -18.37
CA ALA A 188 -23.70 -16.26 -18.16
C ALA A 188 -22.94 -14.96 -18.37
N TRP A 189 -21.65 -14.94 -18.03
CA TRP A 189 -20.85 -13.74 -18.18
C TRP A 189 -19.43 -14.13 -18.50
N TRP A 190 -18.70 -13.24 -19.17
CA TRP A 190 -17.31 -13.55 -19.47
C TRP A 190 -16.52 -12.26 -19.66
N THR A 191 -15.21 -12.37 -19.50
CA THR A 191 -14.32 -11.24 -19.78
C THR A 191 -12.89 -11.75 -19.92
N ALA A 192 -12.02 -10.85 -20.36
CA ALA A 192 -10.58 -11.05 -20.32
C ALA A 192 -10.03 -10.06 -19.31
N PHE A 193 -9.39 -10.57 -18.26
CA PHE A 193 -8.97 -9.78 -17.12
C PHE A 193 -7.45 -9.71 -17.05
N VAL A 194 -6.92 -8.50 -16.93
CA VAL A 194 -5.48 -8.26 -16.86
C VAL A 194 -5.17 -7.81 -15.43
N THR A 195 -4.33 -8.55 -14.73
CA THR A 195 -3.93 -8.11 -13.39
C THR A 195 -3.05 -6.87 -13.48
N ASN A 196 -3.17 -6.01 -12.48
CA ASN A 196 -2.39 -4.77 -12.49
C ASN A 196 -0.91 -5.04 -12.26
N VAL A 197 -0.55 -6.10 -11.53
CA VAL A 197 0.86 -6.37 -11.27
C VAL A 197 1.61 -6.93 -12.47
N ASN A 198 0.91 -7.36 -13.51
CA ASN A 198 1.55 -7.87 -14.71
C ASN A 198 0.96 -7.21 -15.96
N ALA A 199 0.55 -5.96 -15.83
CA ALA A 199 -0.06 -5.22 -16.93
C ALA A 199 0.92 -4.93 -18.07
N SER A 200 2.22 -5.15 -17.85
CA SER A 200 3.22 -5.02 -18.90
C SER A 200 3.33 -6.27 -19.77
N SER A 201 2.45 -7.25 -19.56
CA SER A 201 2.41 -8.48 -20.33
C SER A 201 1.09 -8.56 -21.08
N SER A 202 1.10 -9.28 -22.21
CA SER A 202 -0.13 -9.60 -22.93
C SER A 202 -0.95 -10.69 -22.25
N GLU A 203 -0.45 -11.24 -21.14
CA GLU A 203 -1.20 -12.24 -20.39
C GLU A 203 -2.53 -11.68 -19.91
N ALA A 204 -3.56 -12.52 -19.99
CA ALA A 204 -4.86 -12.21 -19.43
C ALA A 204 -5.49 -13.52 -18.97
N PHE A 205 -6.54 -13.40 -18.17
CA PHE A 205 -7.32 -14.55 -17.75
C PHE A 205 -8.69 -14.43 -18.39
N LEU A 206 -9.01 -15.38 -19.28
CA LEU A 206 -10.37 -15.53 -19.78
C LEU A 206 -11.23 -16.12 -18.66
N ILE A 207 -12.14 -15.29 -18.14
CA ILE A 207 -12.98 -15.65 -17.02
C ILE A 207 -14.37 -15.89 -17.56
N GLY A 208 -14.87 -17.10 -17.34
CA GLY A 208 -16.26 -17.44 -17.59
C GLY A 208 -16.96 -17.66 -16.26
N CYS A 209 -18.06 -16.93 -16.07
CA CYS A 209 -18.79 -16.94 -14.82
C CYS A 209 -20.18 -17.52 -15.07
N ASN A 210 -20.47 -18.63 -14.38
CA ASN A 210 -21.75 -19.34 -14.36
C ASN A 210 -22.01 -20.05 -15.69
N TYR A 211 -21.53 -21.30 -15.78
CA TYR A 211 -21.62 -22.08 -17.00
C TYR A 211 -23.06 -22.50 -17.27
N LEU A 212 -23.51 -22.29 -18.52
CA LEU A 212 -24.88 -22.60 -18.91
C LEU A 212 -25.01 -23.85 -19.76
N GLY A 213 -23.91 -24.39 -20.29
CA GLY A 213 -23.93 -25.60 -21.07
C GLY A 213 -24.45 -25.44 -22.48
N LYS A 214 -24.79 -24.24 -22.90
CA LYS A 214 -25.32 -24.00 -24.24
C LYS A 214 -24.88 -22.61 -24.67
N PRO A 215 -24.81 -22.34 -25.99
CA PRO A 215 -24.38 -21.02 -26.44
C PRO A 215 -25.40 -19.94 -26.16
N ARG A 216 -25.09 -19.07 -25.19
CA ARG A 216 -25.88 -17.88 -24.95
C ARG A 216 -25.48 -16.73 -25.87
N GLU A 217 -24.19 -16.65 -26.20
CA GLU A 217 -23.64 -15.60 -27.03
C GLU A 217 -22.74 -16.24 -28.08
N GLN A 218 -22.96 -15.89 -29.35
CA GLN A 218 -22.15 -16.43 -30.43
C GLN A 218 -20.88 -15.61 -30.56
N ILE A 219 -19.73 -16.29 -30.52
CA ILE A 219 -18.43 -15.62 -30.49
C ILE A 219 -17.51 -16.27 -31.51
N ASP A 220 -16.92 -15.44 -32.38
CA ASP A 220 -15.86 -15.87 -33.28
C ASP A 220 -14.54 -15.73 -32.54
N GLY A 221 -13.90 -16.86 -32.26
CA GLY A 221 -12.70 -16.85 -31.42
C GLY A 221 -11.56 -16.08 -32.04
N TYR A 222 -11.34 -16.25 -33.35
CA TYR A 222 -10.27 -15.53 -34.03
C TYR A 222 -10.51 -14.01 -33.94
N VAL A 223 -11.73 -13.58 -34.28
CA VAL A 223 -12.07 -12.17 -34.21
C VAL A 223 -11.95 -11.67 -32.77
N MET A 224 -12.35 -12.48 -31.79
CA MET A 224 -12.35 -11.99 -30.42
C MET A 224 -10.93 -11.84 -29.88
N HIS A 225 -10.02 -12.74 -30.28
CA HIS A 225 -8.62 -12.54 -29.89
C HIS A 225 -8.03 -11.32 -30.59
N ALA A 226 -8.39 -11.09 -31.85
CA ALA A 226 -7.98 -9.84 -32.49
C ALA A 226 -8.49 -8.63 -31.71
N ASN A 227 -9.74 -8.70 -31.23
CA ASN A 227 -10.30 -7.61 -30.44
C ASN A 227 -9.53 -7.42 -29.15
N TYR A 228 -9.17 -8.52 -28.49
CA TYR A 228 -8.40 -8.40 -27.25
C TYR A 228 -7.06 -7.73 -27.51
N ILE A 229 -6.36 -8.14 -28.58
CA ILE A 229 -5.07 -7.54 -28.89
C ILE A 229 -5.23 -6.07 -29.21
N PHE A 230 -6.28 -5.70 -29.94
CA PHE A 230 -6.53 -4.30 -30.25
C PHE A 230 -6.75 -3.50 -28.97
N TRP A 231 -7.54 -4.04 -28.05
CA TRP A 231 -7.77 -3.36 -26.78
C TRP A 231 -6.48 -3.17 -26.01
N ARG A 232 -5.64 -4.21 -25.94
CA ARG A 232 -4.37 -4.10 -25.23
C ARG A 232 -3.45 -3.08 -25.88
N ASN A 233 -3.48 -3.00 -27.22
CA ASN A 233 -2.59 -2.08 -27.92
C ASN A 233 -3.01 -0.64 -27.69
N THR A 234 -4.32 -0.38 -27.66
CA THR A 234 -4.79 1.00 -27.61
C THR A 234 -5.05 1.51 -26.19
N ASN A 235 -5.00 0.66 -25.17
CA ASN A 235 -5.30 1.05 -23.80
C ASN A 235 -4.19 0.59 -22.88
N PRO A 236 -3.09 1.32 -22.82
CA PRO A 236 -1.98 0.93 -21.95
C PRO A 236 -2.38 0.98 -20.50
N ILE A 237 -1.82 0.07 -19.71
CA ILE A 237 -2.12 -0.06 -18.28
C ILE A 237 -0.82 0.10 -17.49
N GLN A 238 -0.86 0.92 -16.45
CA GLN A 238 0.31 1.08 -15.59
C GLN A 238 0.36 -0.06 -14.57
N LEU A 239 1.57 -0.58 -14.37
CA LEU A 239 1.79 -1.55 -13.31
C LEU A 239 1.37 -0.97 -11.97
N SER A 240 0.67 -1.77 -11.17
CA SER A 240 0.10 -1.30 -9.92
C SER A 240 -0.13 -2.47 -8.98
N SER A 241 0.21 -2.28 -7.70
CA SER A 241 -0.05 -3.31 -6.70
C SER A 241 -0.76 -2.75 -5.48
N TYR A 242 -1.53 -1.66 -5.67
CA TYR A 242 -2.21 -1.03 -4.54
C TYR A 242 -3.21 -1.97 -3.88
N SER A 243 -3.98 -2.72 -4.68
CA SER A 243 -5.00 -3.59 -4.11
C SER A 243 -4.40 -4.64 -3.18
N LEU A 244 -3.10 -4.88 -3.24
CA LEU A 244 -2.47 -5.87 -2.40
C LEU A 244 -2.25 -5.39 -0.96
N PHE A 245 -2.55 -4.12 -0.65
CA PHE A 245 -2.25 -3.62 0.68
C PHE A 245 -3.37 -3.83 1.69
N ASP A 246 -4.57 -4.21 1.25
CA ASP A 246 -5.68 -4.53 2.16
C ASP A 246 -6.22 -5.91 1.81
N MET A 247 -5.95 -6.88 2.68
CA MET A 247 -6.41 -8.24 2.51
C MET A 247 -7.56 -8.59 3.44
N SER A 248 -8.16 -7.59 4.10
CA SER A 248 -9.15 -7.86 5.14
C SER A 248 -10.41 -8.50 4.59
N LYS A 249 -10.72 -8.28 3.32
CA LYS A 249 -11.93 -8.82 2.71
C LYS A 249 -11.60 -9.79 1.57
N PHE A 250 -10.47 -10.49 1.70
CA PHE A 250 -9.97 -11.36 0.63
C PHE A 250 -10.69 -12.70 0.54
N PRO A 251 -10.95 -13.42 1.65
CA PRO A 251 -11.56 -14.74 1.54
C PRO A 251 -12.84 -14.74 0.73
N LEU A 252 -13.00 -15.77 -0.09
CA LEU A 252 -14.22 -15.94 -0.86
C LEU A 252 -15.40 -16.18 0.08
N LYS A 253 -16.46 -15.40 -0.08
CA LYS A 253 -17.61 -15.49 0.82
C LYS A 253 -18.37 -16.79 0.58
N LEU A 254 -18.40 -17.66 1.58
CA LEU A 254 -19.14 -18.91 1.50
C LEU A 254 -20.63 -18.62 1.68
N ARG A 255 -21.39 -18.67 0.58
CA ARG A 255 -22.82 -18.44 0.64
C ARG A 255 -23.64 -19.72 0.57
N GLY A 256 -22.99 -20.88 0.60
CA GLY A 256 -23.73 -22.15 0.61
C GLY A 256 -24.63 -22.38 -0.58
N THR A 257 -24.13 -22.09 -1.79
CA THR A 257 -24.88 -22.27 -3.02
C THR A 257 -25.49 -23.67 -3.08
N ALA A 258 -26.76 -23.74 -3.49
CA ALA A 258 -27.46 -25.02 -3.58
C ALA A 258 -26.84 -25.90 -4.68
N VAL A 259 -26.80 -27.21 -4.41
CA VAL A 259 -26.29 -28.21 -5.35
C VAL A 259 -27.39 -29.21 -5.62
N MET A 260 -27.64 -29.49 -6.89
CA MET A 260 -28.66 -30.47 -7.25
C MET A 260 -28.20 -31.26 -8.47
N SER A 261 -28.77 -32.44 -8.62
CA SER A 261 -28.40 -33.32 -9.72
C SER A 261 -29.22 -33.01 -10.96
N LEU A 262 -28.59 -33.21 -12.12
CA LEU A 262 -29.25 -32.95 -13.39
C LEU A 262 -30.22 -34.06 -13.74
N LYS A 263 -31.37 -33.68 -14.28
CA LYS A 263 -32.35 -34.61 -14.83
C LYS A 263 -32.64 -34.28 -16.29
N GLU A 264 -33.41 -35.17 -16.91
CA GLU A 264 -33.71 -35.05 -18.33
C GLU A 264 -34.59 -33.85 -18.61
N GLY A 265 -34.09 -32.93 -19.42
CA GLY A 265 -34.80 -31.74 -19.84
C GLY A 265 -35.49 -30.97 -18.73
N GLN A 266 -34.76 -30.68 -17.66
CA GLN A 266 -35.30 -29.96 -16.51
C GLN A 266 -34.85 -28.51 -16.46
N ILE A 267 -34.21 -28.00 -17.51
CA ILE A 267 -33.67 -26.65 -17.50
C ILE A 267 -34.74 -25.63 -17.85
N ASN A 268 -35.66 -25.38 -16.93
CA ASN A 268 -36.61 -24.31 -17.15
C ASN A 268 -35.94 -22.95 -16.92
N ASP A 269 -36.62 -21.89 -17.33
CA ASP A 269 -36.01 -20.56 -17.29
C ASP A 269 -35.71 -20.11 -15.86
N MET A 270 -36.47 -20.62 -14.88
CA MET A 270 -36.12 -20.35 -13.48
C MET A 270 -34.76 -20.93 -13.13
N ILE A 271 -34.45 -22.13 -13.64
CA ILE A 271 -33.15 -22.73 -13.40
C ILE A 271 -32.05 -21.91 -14.05
N LEU A 272 -32.28 -21.42 -15.28
CA LEU A 272 -31.30 -20.54 -15.91
C LEU A 272 -31.11 -19.27 -15.09
N SER A 273 -32.19 -18.73 -14.54
CA SER A 273 -32.09 -17.55 -13.68
C SER A 273 -31.19 -17.84 -12.49
N LEU A 274 -31.42 -18.96 -11.82
CA LEU A 274 -30.61 -19.31 -10.64
C LEU A 274 -29.16 -19.57 -11.02
N LEU A 275 -28.93 -20.22 -12.17
CA LEU A 275 -27.57 -20.49 -12.62
C LEU A 275 -26.81 -19.21 -12.94
N SER A 276 -27.47 -18.25 -13.61
CA SER A 276 -26.79 -17.03 -14.02
C SER A 276 -26.47 -16.10 -12.86
N LYS A 277 -27.04 -16.31 -11.68
CA LYS A 277 -26.75 -15.47 -10.53
C LYS A 277 -25.86 -16.15 -9.50
N GLY A 278 -25.22 -17.26 -9.85
CA GLY A 278 -24.40 -17.96 -8.87
C GLY A 278 -25.17 -18.60 -7.74
N ARG A 279 -26.44 -18.92 -7.96
CA ARG A 279 -27.31 -19.44 -6.91
C ARG A 279 -27.53 -20.94 -7.02
N LEU A 280 -26.92 -21.60 -8.01
CA LEU A 280 -27.18 -23.01 -8.22
C LEU A 280 -26.01 -23.68 -8.93
N ILE A 281 -25.61 -24.83 -8.41
CA ILE A 281 -24.64 -25.73 -9.06
C ILE A 281 -25.37 -27.02 -9.38
N ILE A 282 -25.22 -27.51 -10.61
CA ILE A 282 -25.87 -28.72 -11.07
C ILE A 282 -24.79 -29.75 -11.37
N ARG A 283 -24.74 -30.80 -10.55
CA ARG A 283 -23.80 -31.90 -10.66
C ARG A 283 -24.13 -32.86 -9.51
N GLU A 284 -23.60 -34.08 -9.62
CA GLU A 284 -23.65 -35.00 -8.50
C GLU A 284 -22.66 -34.55 -7.42
N ASN A 285 -22.79 -35.13 -6.22
CA ASN A 285 -22.03 -34.66 -5.07
C ASN A 285 -21.46 -35.82 -4.27
N ASN A 286 -20.93 -36.82 -4.94
CA ASN A 286 -20.29 -37.93 -4.25
C ASN A 286 -18.80 -37.65 -4.07
N ARG A 287 -18.09 -38.62 -3.49
CA ARG A 287 -16.66 -38.49 -3.29
C ARG A 287 -15.94 -38.39 -4.63
N VAL A 288 -14.93 -37.52 -4.69
CA VAL A 288 -14.19 -37.25 -5.92
C VAL A 288 -13.05 -38.25 -6.03
N VAL A 289 -12.88 -38.82 -7.23
CA VAL A 289 -11.78 -39.73 -7.53
C VAL A 289 -11.16 -39.28 -8.84
N ILE A 290 -9.94 -38.76 -8.77
CA ILE A 290 -9.27 -38.21 -9.95
C ILE A 290 -7.82 -38.69 -9.95
N SER A 291 -7.29 -38.91 -11.14
CA SER A 291 -5.94 -39.43 -11.25
C SER A 291 -5.33 -39.05 -12.59
N SER A 292 -4.00 -39.09 -12.63
CA SER A 292 -3.24 -38.90 -13.86
C SER A 292 -2.38 -40.12 -14.18
N ASP A 293 -2.71 -41.27 -13.60
CA ASP A 293 -1.96 -42.49 -13.86
C ASP A 293 -2.04 -42.85 -15.33
N VAL A 294 -0.88 -43.01 -15.97
CA VAL A 294 -0.83 -43.30 -17.40
C VAL A 294 -0.42 -44.75 -17.63
N VAL B 7 22.71 -24.40 -12.29
CA VAL B 7 21.81 -25.33 -11.61
C VAL B 7 20.60 -24.58 -11.06
N PRO B 8 19.44 -25.24 -11.04
CA PRO B 8 18.25 -24.62 -10.43
C PRO B 8 18.48 -24.31 -8.96
N ALA B 9 17.73 -23.33 -8.45
CA ALA B 9 17.87 -22.93 -7.06
C ALA B 9 17.45 -24.05 -6.13
N ASN B 10 18.24 -24.25 -5.07
CA ASN B 10 18.05 -25.23 -3.99
C ASN B 10 18.39 -26.66 -4.43
N SER B 11 18.77 -26.90 -5.68
CA SER B 11 18.99 -28.27 -6.15
C SER B 11 20.04 -28.99 -5.32
N THR B 12 21.16 -28.32 -5.04
CA THR B 12 22.25 -28.97 -4.32
C THR B 12 21.81 -29.36 -2.91
N VAL B 13 21.27 -28.42 -2.15
CA VAL B 13 20.94 -28.72 -0.76
C VAL B 13 19.78 -29.72 -0.67
N LEU B 14 18.80 -29.61 -1.57
CA LEU B 14 17.68 -30.54 -1.52
C LEU B 14 18.11 -31.95 -1.90
N SER B 15 19.01 -32.09 -2.89
CA SER B 15 19.55 -33.41 -3.21
C SER B 15 20.36 -33.96 -2.04
N PHE B 16 21.24 -33.15 -1.46
CA PHE B 16 22.08 -33.60 -0.36
C PHE B 16 21.24 -34.05 0.83
N CYS B 17 20.18 -33.31 1.14
CA CYS B 17 19.34 -33.70 2.27
C CYS B 17 18.51 -34.94 1.95
N ALA B 18 17.96 -35.03 0.73
CA ALA B 18 17.20 -36.21 0.36
C ALA B 18 18.05 -37.47 0.34
N PHE B 19 19.36 -37.33 0.16
CA PHE B 19 20.22 -38.51 0.09
C PHE B 19 20.48 -39.13 1.46
N ALA B 20 20.46 -38.34 2.52
CA ALA B 20 20.79 -38.83 3.86
C ALA B 20 19.62 -39.58 4.47
N VAL B 21 19.95 -40.50 5.39
CA VAL B 21 18.90 -41.25 6.08
C VAL B 21 18.14 -40.34 7.04
N ASP B 22 18.82 -39.37 7.64
CA ASP B 22 18.22 -38.38 8.53
C ASP B 22 18.40 -37.02 7.87
N ALA B 23 17.39 -36.62 7.08
CA ALA B 23 17.51 -35.39 6.30
C ALA B 23 17.54 -34.15 7.19
N ALA B 24 16.85 -34.19 8.33
CA ALA B 24 16.88 -33.05 9.25
C ALA B 24 18.29 -32.80 9.76
N LYS B 25 18.98 -33.86 10.17
CA LYS B 25 20.35 -33.72 10.62
C LYS B 25 21.25 -33.24 9.49
N ALA B 26 21.02 -33.73 8.27
CA ALA B 26 21.81 -33.30 7.12
C ALA B 26 21.65 -31.80 6.88
N TYR B 27 20.41 -31.29 6.97
CA TYR B 27 20.17 -29.87 6.75
C TYR B 27 20.76 -29.02 7.87
N LYS B 28 20.62 -29.48 9.12
CA LYS B 28 21.18 -28.72 10.23
C LYS B 28 22.71 -28.67 10.15
N ASP B 29 23.33 -29.76 9.70
CA ASP B 29 24.78 -29.73 9.51
C ASP B 29 25.16 -28.82 8.36
N TYR B 30 24.40 -28.86 7.26
CA TYR B 30 24.61 -27.93 6.15
C TYR B 30 24.56 -26.48 6.62
N LEU B 31 23.58 -26.16 7.48
CA LEU B 31 23.46 -24.79 7.99
C LEU B 31 24.62 -24.44 8.91
N ALA B 32 25.00 -25.37 9.80
CA ALA B 32 26.08 -25.11 10.73
C ALA B 32 27.43 -24.92 10.04
N SER B 33 27.57 -25.41 8.82
CA SER B 33 28.79 -25.21 8.03
C SER B 33 28.71 -23.96 7.16
N GLY B 34 27.65 -23.17 7.28
CA GLY B 34 27.52 -21.93 6.55
C GLY B 34 26.71 -22.00 5.26
N GLY B 35 25.96 -23.08 5.04
CA GLY B 35 25.20 -23.19 3.81
C GLY B 35 24.05 -22.20 3.74
N GLN B 36 23.72 -21.80 2.52
CA GLN B 36 22.62 -20.87 2.33
C GLN B 36 21.30 -21.57 2.58
N PRO B 37 20.41 -21.01 3.41
CA PRO B 37 19.14 -21.67 3.69
C PRO B 37 18.31 -21.90 2.44
N ILE B 38 17.41 -22.89 2.54
CA ILE B 38 16.48 -23.19 1.46
C ILE B 38 15.65 -21.95 1.14
N THR B 39 15.51 -21.66 -0.15
CA THR B 39 14.79 -20.47 -0.59
C THR B 39 13.44 -20.85 -1.20
N ASN B 40 12.71 -19.82 -1.60
CA ASN B 40 11.44 -19.95 -2.32
C ASN B 40 10.35 -20.59 -1.48
N CYS B 41 10.41 -20.44 -0.16
CA CYS B 41 9.23 -20.66 0.66
C CYS B 41 8.20 -19.60 0.31
N VAL B 42 6.94 -20.01 0.18
CA VAL B 42 5.91 -19.18 -0.43
C VAL B 42 5.30 -18.30 0.65
N LYS B 43 5.71 -17.04 0.67
CA LYS B 43 5.14 -16.07 1.60
C LYS B 43 3.82 -15.51 1.09
N MET B 44 2.84 -15.44 1.97
CA MET B 44 1.51 -14.98 1.61
C MET B 44 1.30 -13.53 1.99
N LEU B 45 0.40 -12.87 1.26
CA LEU B 45 -0.12 -11.58 1.69
C LEU B 45 -1.20 -11.81 2.74
N CYS B 46 -1.15 -11.06 3.83
CA CYS B 46 -2.14 -11.18 4.89
C CYS B 46 -2.24 -9.86 5.62
N THR B 47 -3.17 -9.78 6.56
CA THR B 47 -3.44 -8.54 7.30
C THR B 47 -2.47 -8.35 8.47
N HIS B 48 -1.78 -9.40 8.90
CA HIS B 48 -0.92 -9.38 10.08
C HIS B 48 -1.70 -9.01 11.34
N THR B 49 -3.00 -9.27 11.33
CA THR B 49 -3.84 -9.10 12.51
C THR B 49 -4.42 -10.43 12.98
N GLY B 50 -3.69 -11.53 12.75
CA GLY B 50 -4.17 -12.86 13.09
C GLY B 50 -3.78 -13.28 14.51
N THR B 51 -4.19 -14.51 14.86
CA THR B 51 -4.00 -15.00 16.22
C THR B 51 -2.53 -15.23 16.56
N GLY B 52 -1.67 -15.36 15.55
CA GLY B 52 -0.27 -15.63 15.79
C GLY B 52 0.06 -17.09 16.07
N GLN B 53 -0.91 -17.99 15.97
CA GLN B 53 -0.65 -19.40 16.20
C GLN B 53 0.29 -19.97 15.14
N ALA B 54 0.89 -21.11 15.46
CA ALA B 54 2.01 -21.61 14.67
C ALA B 54 1.57 -22.14 13.32
N ILE B 55 0.58 -23.04 13.31
CA ILE B 55 0.13 -23.71 12.09
C ILE B 55 -1.38 -23.66 12.04
N THR B 56 -1.93 -23.01 11.01
CA THR B 56 -3.36 -22.70 10.94
C THR B 56 -3.88 -22.97 9.53
N VAL B 57 -5.21 -23.03 9.41
CA VAL B 57 -5.83 -23.32 8.13
C VAL B 57 -5.82 -22.13 7.18
N THR B 58 -5.73 -20.91 7.68
CA THR B 58 -5.53 -19.69 6.90
C THR B 58 -4.39 -18.90 7.53
N PRO B 59 -3.82 -17.95 6.79
CA PRO B 59 -2.74 -17.12 7.39
C PRO B 59 -3.19 -16.42 8.66
N GLU B 60 -2.40 -16.58 9.72
CA GLU B 60 -2.72 -16.04 11.02
C GLU B 60 -1.55 -15.25 11.61
N ALA B 61 -0.68 -14.73 10.76
CA ALA B 61 0.45 -13.93 11.22
C ALA B 61 -0.03 -12.74 12.04
N ASN B 62 0.69 -12.44 13.12
CA ASN B 62 0.51 -11.18 13.83
C ASN B 62 1.54 -10.18 13.31
N MET B 63 1.66 -9.03 13.98
CA MET B 63 2.55 -7.98 13.48
C MET B 63 4.02 -8.37 13.57
N ASP B 64 4.35 -9.46 14.25
CA ASP B 64 5.74 -9.91 14.42
C ASP B 64 6.06 -11.19 13.64
N GLN B 65 5.16 -11.63 12.76
CA GLN B 65 5.32 -12.88 12.03
C GLN B 65 5.07 -12.66 10.54
N GLU B 66 5.44 -13.66 9.76
CA GLU B 66 5.08 -13.78 8.35
C GLU B 66 4.43 -15.13 8.13
N SER B 67 3.43 -15.18 7.26
CA SER B 67 2.73 -16.43 6.95
C SER B 67 3.26 -17.02 5.66
N PHE B 68 3.58 -18.30 5.69
CA PHE B 68 4.06 -19.03 4.53
C PHE B 68 3.16 -20.23 4.25
N GLY B 69 3.07 -20.59 2.97
CA GLY B 69 2.47 -21.86 2.60
C GLY B 69 3.20 -23.01 3.26
N GLY B 70 2.45 -23.85 3.99
CA GLY B 70 3.09 -24.85 4.84
C GLY B 70 3.97 -25.82 4.07
N ALA B 71 3.49 -26.31 2.91
CA ALA B 71 4.25 -27.31 2.17
C ALA B 71 5.63 -26.78 1.77
N SER B 72 5.71 -25.52 1.34
CA SER B 72 6.98 -24.96 0.91
C SER B 72 7.97 -24.79 2.07
N CYS B 73 7.52 -24.88 3.32
CA CYS B 73 8.39 -24.75 4.48
C CYS B 73 8.71 -26.09 5.13
N CYS B 74 8.31 -27.20 4.50
CA CYS B 74 8.54 -28.52 5.06
C CYS B 74 9.72 -29.15 4.35
N LEU B 75 10.74 -29.54 5.12
CA LEU B 75 11.94 -30.13 4.52
C LEU B 75 11.60 -31.40 3.76
N TYR B 76 10.74 -32.24 4.34
CA TYR B 76 10.43 -33.50 3.68
C TYR B 76 9.58 -33.27 2.44
N CYS B 77 8.60 -32.36 2.51
CA CYS B 77 7.87 -31.98 1.30
C CYS B 77 8.83 -31.48 0.23
N ARG B 78 9.76 -30.59 0.60
CA ARG B 78 10.63 -29.96 -0.40
C ARG B 78 11.64 -30.94 -0.99
N CYS B 79 12.08 -31.93 -0.22
CA CYS B 79 13.01 -32.94 -0.72
C CYS B 79 12.32 -34.10 -1.41
N HIS B 80 10.99 -34.15 -1.39
CA HIS B 80 10.22 -35.28 -1.94
C HIS B 80 10.67 -36.59 -1.31
N ILE B 81 10.75 -36.60 0.02
CA ILE B 81 11.08 -37.80 0.79
C ILE B 81 9.95 -38.05 1.78
N ASP B 82 9.94 -39.27 2.31
CA ASP B 82 8.91 -39.65 3.26
C ASP B 82 9.09 -38.91 4.58
N HIS B 83 7.96 -38.61 5.24
CA HIS B 83 7.94 -37.90 6.52
C HIS B 83 8.10 -38.87 7.69
N PRO B 84 8.91 -38.52 8.68
CA PRO B 84 9.02 -39.32 9.90
C PRO B 84 8.03 -38.95 11.00
N ASN B 85 7.05 -38.08 10.73
CA ASN B 85 6.08 -37.68 11.75
C ASN B 85 5.39 -38.91 12.32
N PRO B 86 5.39 -39.10 13.65
CA PRO B 86 4.77 -40.31 14.22
C PRO B 86 3.30 -40.45 13.89
N LYS B 87 2.61 -39.34 13.63
CA LYS B 87 1.19 -39.38 13.29
C LYS B 87 0.93 -39.94 11.90
N GLY B 88 1.96 -40.06 11.06
CA GLY B 88 1.81 -40.62 9.73
C GLY B 88 1.49 -39.64 8.63
N PHE B 89 1.43 -38.35 8.93
CA PHE B 89 1.15 -37.34 7.91
C PHE B 89 1.88 -36.05 8.28
N CYS B 90 1.90 -35.11 7.34
CA CYS B 90 2.61 -33.85 7.52
C CYS B 90 1.72 -32.83 8.20
N ASP B 91 2.29 -32.12 9.18
CA ASP B 91 1.56 -31.05 9.86
C ASP B 91 1.50 -29.76 9.06
N LEU B 92 2.39 -29.59 8.08
CA LEU B 92 2.54 -28.33 7.35
C LEU B 92 1.81 -28.30 6.02
N LYS B 93 1.86 -29.40 5.26
CA LYS B 93 1.25 -29.44 3.94
C LYS B 93 -0.26 -29.17 4.02
N GLY B 94 -0.72 -28.21 3.21
CA GLY B 94 -2.11 -27.85 3.21
C GLY B 94 -2.51 -26.80 4.23
N LYS B 95 -1.57 -26.36 5.07
CA LYS B 95 -1.84 -25.33 6.07
C LYS B 95 -0.91 -24.14 5.86
N TYR B 96 -0.93 -23.21 6.81
CA TYR B 96 -0.08 -22.02 6.75
C TYR B 96 0.72 -21.96 8.03
N VAL B 97 2.01 -21.68 7.90
CA VAL B 97 2.92 -21.65 9.03
C VAL B 97 3.34 -20.21 9.29
N GLN B 98 3.24 -19.79 10.54
CA GLN B 98 3.65 -18.45 10.94
C GLN B 98 5.08 -18.53 11.45
N ILE B 99 5.97 -17.73 10.86
CA ILE B 99 7.38 -17.71 11.18
C ILE B 99 7.70 -16.35 11.77
N PRO B 100 8.37 -16.26 12.92
CA PRO B 100 8.78 -14.95 13.45
C PRO B 100 9.59 -14.20 12.41
N THR B 101 9.34 -12.89 12.31
CA THR B 101 9.95 -12.09 11.25
C THR B 101 11.48 -12.16 11.31
N THR B 102 12.04 -12.23 12.52
CA THR B 102 13.48 -12.34 12.67
C THR B 102 14.04 -13.65 12.09
N CYS B 103 13.22 -14.69 11.98
CA CYS B 103 13.66 -15.98 11.47
C CYS B 103 13.14 -16.29 10.08
N ALA B 104 12.45 -15.34 9.43
CA ALA B 104 11.84 -15.59 8.12
C ALA B 104 12.85 -15.79 7.00
N ASN B 105 14.15 -15.64 7.27
CA ASN B 105 15.15 -15.95 6.27
C ASN B 105 15.36 -17.45 6.09
N ASP B 106 14.85 -18.27 7.01
CA ASP B 106 15.02 -19.73 6.96
C ASP B 106 13.80 -20.40 7.59
N PRO B 107 12.66 -20.39 6.90
CA PRO B 107 11.47 -21.04 7.47
C PRO B 107 11.60 -22.55 7.58
N VAL B 108 12.26 -23.21 6.62
CA VAL B 108 12.45 -24.65 6.73
C VAL B 108 13.26 -24.99 7.97
N GLY B 109 14.36 -24.27 8.18
CA GLY B 109 15.14 -24.46 9.40
C GLY B 109 14.33 -24.19 10.65
N PHE B 110 13.47 -23.16 10.61
CA PHE B 110 12.69 -22.81 11.80
C PHE B 110 11.69 -23.91 12.15
N THR B 111 10.96 -24.42 11.16
CA THR B 111 10.00 -25.49 11.44
C THR B 111 10.71 -26.78 11.83
N LEU B 112 11.94 -26.98 11.34
CA LEU B 112 12.71 -28.14 11.78
C LEU B 112 13.15 -28.04 13.23
N LYS B 113 13.59 -26.84 13.66
CA LYS B 113 14.23 -26.68 14.96
C LYS B 113 13.24 -26.41 16.09
N ASN B 114 11.97 -26.18 15.80
CA ASN B 114 11.03 -25.71 16.82
C ASN B 114 9.81 -26.62 16.91
N THR B 115 9.03 -26.40 17.96
CA THR B 115 7.91 -27.26 18.32
C THR B 115 6.72 -26.41 18.74
N VAL B 116 5.53 -26.94 18.49
CA VAL B 116 4.26 -26.24 18.73
C VAL B 116 3.67 -26.71 20.05
N CYS B 117 3.23 -25.76 20.87
CA CYS B 117 2.56 -26.10 22.11
C CYS B 117 1.19 -26.72 21.81
N THR B 118 0.97 -27.94 22.31
CA THR B 118 -0.28 -28.63 22.04
C THR B 118 -1.45 -28.07 22.83
N VAL B 119 -1.23 -27.09 23.71
CA VAL B 119 -2.29 -26.50 24.52
C VAL B 119 -2.78 -25.21 23.88
N CYS B 120 -1.88 -24.23 23.70
CA CYS B 120 -2.27 -22.94 23.16
C CYS B 120 -2.06 -22.82 21.66
N GLY B 121 -1.26 -23.69 21.06
CA GLY B 121 -1.04 -23.64 19.62
C GLY B 121 0.04 -22.70 19.17
N MET B 122 0.79 -22.10 20.09
CA MET B 122 1.85 -21.18 19.74
C MET B 122 3.20 -21.91 19.67
N TRP B 123 4.15 -21.28 18.99
CA TRP B 123 5.52 -21.76 18.97
C TRP B 123 6.10 -21.63 20.38
N LYS B 124 6.57 -22.73 20.95
CA LYS B 124 7.27 -22.65 22.23
C LYS B 124 8.55 -21.83 22.06
N GLY B 125 8.70 -20.80 22.90
CA GLY B 125 9.81 -19.88 22.81
C GLY B 125 9.58 -18.73 21.86
N TYR B 126 8.46 -18.71 21.14
CA TYR B 126 8.15 -17.63 20.21
C TYR B 126 6.64 -17.38 20.25
N GLY B 127 6.08 -17.25 21.45
CA GLY B 127 4.67 -16.93 21.58
C GLY B 127 3.97 -17.68 22.69
N CYS B 128 4.49 -18.84 23.05
CA CYS B 128 3.90 -19.64 24.13
C CYS B 128 4.30 -19.05 25.47
N SER B 129 3.30 -18.71 26.29
CA SER B 129 3.50 -18.21 27.63
C SER B 129 2.76 -19.07 28.66
N CYS B 130 2.57 -20.35 28.33
CA CYS B 130 1.88 -21.25 29.25
C CYS B 130 2.70 -21.51 30.51
N ASP B 131 4.02 -21.65 30.37
CA ASP B 131 4.86 -21.96 31.52
C ASP B 131 4.99 -20.76 32.46
N GLN B 132 5.19 -19.57 31.92
CA GLN B 132 5.34 -18.37 32.74
C GLN B 132 3.99 -17.68 32.93
N SER C 2 11.59 0.61 -8.21
CA SER C 2 11.85 0.93 -6.81
C SER C 2 11.55 2.40 -6.51
N GLN C 3 11.73 3.26 -7.52
CA GLN C 3 11.48 4.69 -7.34
CA GLN C 3 11.49 4.69 -7.32
C GLN C 3 10.09 4.96 -6.81
N ALA C 4 9.10 4.17 -7.23
CA ALA C 4 7.73 4.38 -6.79
C ALA C 4 7.51 4.07 -5.32
N TRP C 5 8.44 3.34 -4.69
CA TRP C 5 8.34 3.00 -3.28
C TRP C 5 9.03 3.98 -2.36
N GLN C 6 9.78 4.94 -2.90
CA GLN C 6 10.38 5.99 -2.10
C GLN C 6 9.32 7.05 -1.79
N PRO C 7 9.57 7.90 -0.77
CA PRO C 7 8.65 9.02 -0.53
C PRO C 7 8.68 10.05 -1.65
N GLY C 8 9.77 10.13 -2.41
CA GLY C 8 9.83 11.05 -3.51
C GLY C 8 11.16 10.94 -4.21
N VAL C 9 11.47 11.96 -5.01
CA VAL C 9 12.66 11.98 -5.85
C VAL C 9 13.43 13.26 -5.59
N ALA C 10 14.74 13.13 -5.39
CA ALA C 10 15.64 14.25 -5.17
C ALA C 10 16.39 14.61 -6.45
N MET C 11 16.65 15.89 -6.62
CA MET C 11 17.38 16.38 -7.79
C MET C 11 18.78 15.80 -7.84
N PRO C 12 19.15 15.04 -8.86
CA PRO C 12 20.51 14.50 -8.94
C PRO C 12 21.54 15.61 -9.03
N ASN C 13 22.74 15.35 -8.50
CA ASN C 13 23.83 16.33 -8.60
C ASN C 13 24.22 16.60 -10.04
N LEU C 14 24.02 15.63 -10.93
CA LEU C 14 24.33 15.85 -12.34
C LEU C 14 23.57 17.05 -12.89
N TYR C 15 22.30 17.21 -12.47
CA TYR C 15 21.50 18.31 -12.96
C TYR C 15 21.77 19.61 -12.22
N LYS C 16 22.27 19.55 -10.97
CA LYS C 16 22.65 20.77 -10.27
C LYS C 16 23.85 21.44 -10.93
N MET C 17 24.70 20.65 -11.59
CA MET C 17 25.97 21.10 -12.13
C MET C 17 25.85 21.65 -13.54
N GLN C 18 24.64 21.71 -14.09
CA GLN C 18 24.44 22.24 -15.43
C GLN C 18 24.42 23.76 -15.40
N ARG C 19 24.26 24.36 -16.58
CA ARG C 19 24.11 25.79 -16.73
C ARG C 19 23.04 26.01 -17.81
N MET C 20 21.80 25.69 -17.44
CA MET C 20 20.70 25.74 -18.39
C MET C 20 20.10 27.13 -18.49
N LEU C 21 19.41 27.35 -19.59
CA LEU C 21 18.58 28.53 -19.75
C LEU C 21 17.20 28.22 -19.20
N LEU C 22 16.55 29.23 -18.66
CA LEU C 22 15.24 29.04 -18.07
C LEU C 22 14.25 28.67 -19.18
N GLU C 23 13.58 27.54 -19.01
CA GLU C 23 12.57 27.06 -19.94
C GLU C 23 11.21 27.08 -19.27
N LYS C 24 10.16 26.99 -20.09
CA LYS C 24 8.84 26.78 -19.52
C LYS C 24 8.73 25.33 -19.06
N CYS C 25 8.09 25.11 -17.91
CA CYS C 25 7.95 23.77 -17.37
C CYS C 25 6.83 23.03 -18.11
N ASP C 26 7.17 21.87 -18.67
CA ASP C 26 6.24 21.06 -19.46
C ASP C 26 6.27 19.62 -18.94
N LEU C 27 5.52 19.37 -17.88
CA LEU C 27 5.46 18.03 -17.30
C LEU C 27 4.54 17.13 -18.11
N GLN C 28 4.98 15.90 -18.35
CA GLN C 28 4.19 14.94 -19.14
C GLN C 28 2.83 14.66 -18.50
N ASN C 29 2.80 14.55 -17.17
CA ASN C 29 1.57 14.20 -16.45
C ASN C 29 0.96 15.39 -15.73
N TYR C 30 1.21 16.61 -16.19
CA TYR C 30 0.86 17.80 -15.43
C TYR C 30 -0.61 17.83 -15.05
N GLY C 31 -0.87 18.14 -13.78
CA GLY C 31 -2.23 18.25 -13.27
C GLY C 31 -2.88 16.95 -12.86
N ASP C 32 -2.32 15.81 -13.23
CA ASP C 32 -2.90 14.52 -12.88
C ASP C 32 -3.07 14.41 -11.37
N SER C 33 -4.17 13.81 -10.96
CA SER C 33 -4.45 13.60 -9.54
C SER C 33 -4.14 12.16 -9.16
N ALA C 34 -3.53 11.98 -7.99
CA ALA C 34 -3.26 10.67 -7.46
C ALA C 34 -4.40 10.25 -6.53
N THR C 35 -4.66 8.95 -6.50
CA THR C 35 -5.62 8.40 -5.54
C THR C 35 -4.85 8.06 -4.28
N LEU C 36 -5.28 8.63 -3.16
CA LEU C 36 -4.64 8.47 -1.87
C LEU C 36 -5.40 7.48 -1.03
N PRO C 37 -4.81 6.97 0.06
CA PRO C 37 -5.57 6.15 0.99
C PRO C 37 -6.87 6.84 1.38
N LYS C 38 -7.91 6.04 1.58
CA LYS C 38 -9.27 6.58 1.72
C LYS C 38 -9.33 7.61 2.84
N GLY C 39 -9.83 8.80 2.50
CA GLY C 39 -10.05 9.85 3.49
C GLY C 39 -8.81 10.63 3.88
N ILE C 40 -7.70 10.45 3.19
CA ILE C 40 -6.46 11.16 3.53
C ILE C 40 -6.37 12.42 2.69
N MET C 41 -6.11 13.55 3.34
CA MET C 41 -5.98 14.82 2.64
C MET C 41 -4.69 14.85 1.82
N MET C 42 -4.72 15.62 0.74
CA MET C 42 -3.53 15.82 -0.09
C MET C 42 -2.32 16.22 0.75
N ASN C 43 -2.50 17.16 1.67
CA ASN C 43 -1.35 17.65 2.42
C ASN C 43 -0.89 16.68 3.51
N VAL C 44 -1.79 15.86 4.06
CA VAL C 44 -1.33 14.82 4.97
C VAL C 44 -0.37 13.88 4.24
N ALA C 45 -0.74 13.45 3.03
CA ALA C 45 0.15 12.59 2.25
C ALA C 45 1.44 13.30 1.89
N LYS C 46 1.33 14.55 1.42
CA LYS C 46 2.50 15.29 0.97
C LYS C 46 3.50 15.51 2.12
N TYR C 47 2.99 16.00 3.26
CA TYR C 47 3.85 16.24 4.40
C TYR C 47 4.40 14.95 4.97
N THR C 48 3.63 13.86 4.94
CA THR C 48 4.16 12.58 5.39
C THR C 48 5.31 12.12 4.53
N GLN C 49 5.20 12.28 3.21
CA GLN C 49 6.32 11.89 2.35
C GLN C 49 7.52 12.78 2.57
N LEU C 50 7.30 14.09 2.74
CA LEU C 50 8.41 14.99 3.02
C LEU C 50 9.13 14.58 4.31
N CYS C 51 8.37 14.26 5.36
CA CYS C 51 9.01 13.84 6.61
C CYS C 51 9.71 12.50 6.46
N GLN C 52 9.13 11.59 5.67
CA GLN C 52 9.79 10.31 5.39
C GLN C 52 11.13 10.53 4.70
N TYR C 53 11.21 11.51 3.82
CA TYR C 53 12.47 11.82 3.17
C TYR C 53 13.45 12.49 4.14
N LEU C 54 12.96 13.42 4.96
CA LEU C 54 13.81 14.05 5.96
C LEU C 54 14.39 13.02 6.91
N ASN C 55 13.65 11.94 7.20
CA ASN C 55 14.17 10.85 8.03
C ASN C 55 15.46 10.25 7.50
N THR C 56 15.71 10.35 6.19
CA THR C 56 16.92 9.78 5.62
C THR C 56 18.10 10.74 5.61
N LEU C 57 17.94 11.96 6.12
CA LEU C 57 19.01 12.95 6.17
C LEU C 57 19.56 13.07 7.59
N THR C 58 20.62 13.85 7.74
CA THR C 58 21.29 14.00 9.04
C THR C 58 20.77 15.23 9.78
N LEU C 59 19.47 15.24 10.05
CA LEU C 59 18.87 16.35 10.77
C LEU C 59 19.28 16.32 12.25
N ALA C 60 19.68 17.47 12.77
CA ALA C 60 19.94 17.58 14.20
C ALA C 60 18.62 17.53 14.96
N VAL C 61 18.56 16.70 15.99
CA VAL C 61 17.33 16.55 16.77
C VAL C 61 17.65 16.76 18.24
N PRO C 62 17.71 17.99 18.72
CA PRO C 62 18.04 18.23 20.12
C PRO C 62 16.85 18.03 21.03
N TYR C 63 17.14 17.93 22.32
CA TYR C 63 16.11 18.08 23.33
C TYR C 63 15.57 19.50 23.28
N ASN C 64 14.26 19.64 23.45
CA ASN C 64 13.59 20.94 23.34
C ASN C 64 13.82 21.55 21.96
N MET C 65 13.54 20.76 20.93
CA MET C 65 13.70 21.22 19.56
C MET C 65 12.77 22.40 19.29
N ARG C 66 13.18 23.26 18.35
CA ARG C 66 12.41 24.43 17.95
C ARG C 66 12.10 24.33 16.47
N VAL C 67 10.82 24.15 16.14
CA VAL C 67 10.37 24.00 14.75
C VAL C 67 9.33 25.07 14.47
N ILE C 68 9.49 25.78 13.35
CA ILE C 68 8.53 26.79 12.95
C ILE C 68 8.06 26.47 11.53
N HIS C 69 6.76 26.67 11.29
CA HIS C 69 6.09 26.23 10.07
C HIS C 69 5.26 27.39 9.51
N PHE C 70 5.77 28.03 8.47
CA PHE C 70 5.06 29.10 7.78
C PHE C 70 4.15 28.53 6.70
N GLY C 71 3.08 29.27 6.39
CA GLY C 71 2.11 28.82 5.42
C GLY C 71 1.32 27.60 5.85
N ALA C 72 1.03 27.47 7.14
CA ALA C 72 0.39 26.28 7.67
C ALA C 72 -1.13 26.31 7.55
N GLY C 73 -1.73 27.45 7.24
CA GLY C 73 -3.17 27.51 7.06
C GLY C 73 -3.58 26.93 5.72
N SER C 74 -4.89 26.86 5.52
CA SER C 74 -5.41 26.37 4.25
C SER C 74 -6.83 26.88 4.09
N ASP C 75 -7.34 26.76 2.86
CA ASP C 75 -8.70 27.15 2.56
C ASP C 75 -9.74 26.32 3.31
N LYS C 76 -9.34 25.21 3.92
CA LYS C 76 -10.24 24.38 4.71
C LYS C 76 -10.37 24.84 6.14
N GLY C 77 -9.61 25.84 6.57
CA GLY C 77 -9.63 26.29 7.95
C GLY C 77 -8.88 25.42 8.94
N VAL C 78 -8.21 24.37 8.47
CA VAL C 78 -7.42 23.49 9.33
C VAL C 78 -5.98 23.48 8.84
N ALA C 79 -5.13 22.67 9.48
CA ALA C 79 -3.69 22.64 9.20
C ALA C 79 -3.20 21.21 9.14
N PRO C 80 -3.45 20.50 8.04
CA PRO C 80 -2.96 19.11 7.95
C PRO C 80 -1.45 18.98 8.06
N GLY C 81 -0.70 19.89 7.42
CA GLY C 81 0.74 19.84 7.51
C GLY C 81 1.24 19.95 8.95
N THR C 82 0.62 20.81 9.74
CA THR C 82 1.02 20.92 11.14
C THR C 82 0.72 19.63 11.90
N ALA C 83 -0.41 18.98 11.59
CA ALA C 83 -0.73 17.72 12.25
C ALA C 83 0.30 16.64 11.92
N VAL C 84 0.74 16.59 10.65
CA VAL C 84 1.77 15.63 10.29
C VAL C 84 3.08 15.95 11.00
N LEU C 85 3.46 17.23 11.04
CA LEU C 85 4.70 17.62 11.72
C LEU C 85 4.64 17.26 13.20
N ARG C 86 3.51 17.49 13.86
CA ARG C 86 3.39 17.18 15.27
C ARG C 86 3.43 15.67 15.51
N GLN C 87 2.89 14.89 14.58
CA GLN C 87 3.03 13.43 14.67
C GLN C 87 4.48 13.01 14.50
N TRP C 88 5.22 13.70 13.63
CA TRP C 88 6.57 13.30 13.26
C TRP C 88 7.60 13.70 14.31
N LEU C 89 7.46 14.90 14.88
CA LEU C 89 8.50 15.45 15.75
C LEU C 89 8.47 14.78 17.13
N PRO C 90 9.62 14.72 17.81
CA PRO C 90 9.64 14.11 19.14
C PRO C 90 8.72 14.86 20.10
N THR C 91 8.16 14.10 21.05
CA THR C 91 7.27 14.68 22.05
C THR C 91 8.02 15.74 22.86
N GLY C 92 7.36 16.85 23.13
CA GLY C 92 7.98 17.97 23.79
C GLY C 92 8.59 18.99 22.86
N THR C 93 8.66 18.70 21.56
CA THR C 93 9.16 19.66 20.59
C THR C 93 8.22 20.86 20.50
N LEU C 94 8.78 22.07 20.60
CA LEU C 94 8.01 23.28 20.40
C LEU C 94 7.70 23.44 18.91
N LEU C 95 6.41 23.47 18.57
CA LEU C 95 5.96 23.61 17.20
C LEU C 95 5.15 24.90 17.09
N VAL C 96 5.63 25.83 16.29
CA VAL C 96 4.96 27.10 16.04
C VAL C 96 4.62 27.17 14.56
N ASP C 97 3.38 27.51 14.24
CA ASP C 97 3.00 27.66 12.84
C ASP C 97 2.35 29.02 12.62
N SER C 98 2.13 29.35 11.35
CA SER C 98 1.80 30.71 10.98
C SER C 98 1.15 30.73 9.60
N ASP C 99 0.29 31.72 9.37
CA ASP C 99 -0.32 31.91 8.07
C ASP C 99 -0.97 33.28 8.01
N LEU C 100 -1.20 33.75 6.79
CA LEU C 100 -1.85 35.03 6.57
C LEU C 100 -3.27 35.03 7.13
N ASN C 101 -4.00 33.93 6.97
CA ASN C 101 -5.41 33.85 7.33
C ASN C 101 -5.59 32.94 8.55
N ASP C 102 -6.69 33.18 9.27
CA ASP C 102 -6.96 32.43 10.48
C ASP C 102 -7.23 30.96 10.15
N PHE C 103 -6.86 30.08 11.09
CA PHE C 103 -7.03 28.64 10.92
C PHE C 103 -6.89 27.97 12.28
N VAL C 104 -7.28 26.69 12.33
CA VAL C 104 -7.21 25.87 13.54
C VAL C 104 -6.04 24.91 13.40
N SER C 105 -5.25 24.79 14.47
CA SER C 105 -3.99 24.05 14.40
C SER C 105 -3.72 23.30 15.70
N ASP C 106 -2.91 22.26 15.59
CA ASP C 106 -2.43 21.53 16.76
C ASP C 106 -1.05 22.02 17.23
N ALA C 107 -0.58 23.15 16.72
CA ALA C 107 0.72 23.66 17.13
C ALA C 107 0.64 24.32 18.50
N ASP C 108 1.80 24.52 19.11
CA ASP C 108 1.85 25.12 20.44
C ASP C 108 1.43 26.58 20.41
N SER C 109 1.82 27.31 19.37
CA SER C 109 1.37 28.67 19.14
C SER C 109 1.08 28.84 17.66
N THR C 110 0.02 29.60 17.36
CA THR C 110 -0.38 29.89 15.99
C THR C 110 -0.34 31.40 15.79
N LEU C 111 0.44 31.85 14.82
CA LEU C 111 0.64 33.28 14.56
C LEU C 111 -0.08 33.66 13.28
N ILE C 112 -1.07 34.55 13.41
CA ILE C 112 -1.87 34.98 12.26
C ILE C 112 -1.35 36.31 11.77
N GLY C 113 -1.22 36.45 10.46
CA GLY C 113 -0.74 37.66 9.84
C GLY C 113 0.32 37.36 8.79
N ASP C 114 0.68 38.41 8.07
CA ASP C 114 1.78 38.32 7.12
C ASP C 114 3.04 37.87 7.84
N CYS C 115 3.80 36.97 7.20
CA CYS C 115 4.98 36.40 7.85
C CYS C 115 5.96 37.48 8.24
N ALA C 116 5.96 38.62 7.53
CA ALA C 116 6.83 39.72 7.87
C ALA C 116 6.49 40.35 9.22
N THR C 117 5.30 40.09 9.77
CA THR C 117 4.95 40.55 11.10
C THR C 117 5.40 39.59 12.20
N VAL C 118 6.00 38.46 11.85
CA VAL C 118 6.47 37.52 12.86
C VAL C 118 7.81 38.01 13.39
N HIS C 119 7.87 38.23 14.70
CA HIS C 119 9.08 38.73 15.36
C HIS C 119 9.46 37.76 16.48
N THR C 120 10.77 37.53 16.61
CA THR C 120 11.28 36.70 17.70
C THR C 120 12.77 36.95 17.83
N ALA C 121 13.25 36.91 19.08
CA ALA C 121 14.68 36.94 19.29
C ALA C 121 15.31 35.54 19.19
N ASN C 122 14.49 34.49 19.23
CA ASN C 122 14.99 33.13 19.32
C ASN C 122 15.39 32.58 17.95
N LYS C 123 16.38 31.69 17.96
CA LYS C 123 16.77 30.96 16.78
C LYS C 123 16.07 29.59 16.77
N TRP C 124 15.94 29.02 15.58
CA TRP C 124 15.12 27.84 15.37
C TRP C 124 15.95 26.69 14.80
N ASP C 125 15.50 25.46 15.07
CA ASP C 125 16.20 24.27 14.62
C ASP C 125 15.67 23.74 13.30
N LEU C 126 14.40 23.97 13.00
CA LEU C 126 13.85 23.50 11.74
C LEU C 126 12.84 24.52 11.23
N ILE C 127 12.97 24.90 9.96
CA ILE C 127 12.08 25.85 9.32
C ILE C 127 11.39 25.14 8.16
N ILE C 128 10.08 24.96 8.28
CA ILE C 128 9.26 24.44 7.18
C ILE C 128 8.42 25.59 6.64
N SER C 129 8.45 25.79 5.33
CA SER C 129 7.62 26.80 4.71
C SER C 129 6.85 26.19 3.55
N ASP C 130 5.52 26.36 3.56
CA ASP C 130 4.67 25.95 2.45
C ASP C 130 3.98 27.16 1.82
N MET C 131 4.51 28.36 2.06
CA MET C 131 3.87 29.58 1.59
C MET C 131 3.86 29.66 0.06
N TYR C 132 2.80 30.26 -0.47
CA TYR C 132 2.62 30.44 -1.90
C TYR C 132 1.70 31.63 -2.12
N ASP C 133 2.15 32.60 -2.91
CA ASP C 133 1.35 33.78 -3.19
C ASP C 133 0.31 33.44 -4.25
N PRO C 134 -0.98 33.59 -3.98
CA PRO C 134 -1.99 33.24 -5.00
C PRO C 134 -1.81 34.00 -6.31
N LYS C 135 -1.40 35.26 -6.26
CA LYS C 135 -1.20 36.01 -7.49
C LYS C 135 -0.09 35.42 -8.36
N THR C 136 0.69 34.47 -7.85
CA THR C 136 1.64 33.76 -8.69
C THR C 136 0.94 33.07 -9.87
N LYS C 137 -0.32 32.65 -9.68
CA LYS C 137 -1.05 32.02 -10.78
C LYS C 137 -1.31 32.97 -11.94
N ASN C 138 -1.32 34.28 -11.70
CA ASN C 138 -1.61 35.24 -12.76
C ASN C 138 -0.56 35.17 -13.86
N VAL C 139 -1.01 35.27 -15.11
CA VAL C 139 -0.10 35.20 -16.25
C VAL C 139 0.85 36.38 -16.21
N THR C 140 2.12 36.12 -16.50
CA THR C 140 3.16 37.13 -16.46
C THR C 140 4.02 37.03 -17.71
N LYS C 141 4.76 38.11 -17.99
CA LYS C 141 5.58 38.14 -19.19
C LYS C 141 6.77 37.19 -19.08
N GLU C 142 7.56 37.34 -18.03
CA GLU C 142 8.74 36.51 -17.82
C GLU C 142 8.68 35.89 -16.42
N ASN C 143 9.30 34.71 -16.29
CA ASN C 143 9.34 34.00 -15.02
C ASN C 143 10.57 34.50 -14.23
N ASP C 144 10.38 35.61 -13.53
CA ASP C 144 11.44 36.24 -12.77
C ASP C 144 11.43 35.77 -11.31
N SER C 145 12.56 36.00 -10.65
CA SER C 145 12.67 35.71 -9.23
C SER C 145 11.63 36.50 -8.44
N LYS C 146 10.97 35.83 -7.51
CA LYS C 146 9.88 36.43 -6.74
C LYS C 146 10.39 36.93 -5.40
N GLU C 147 9.86 38.05 -4.95
CA GLU C 147 10.20 38.55 -3.62
C GLU C 147 9.11 38.16 -2.65
N GLY C 148 8.43 39.14 -2.06
CA GLY C 148 7.39 38.82 -1.09
C GLY C 148 7.94 38.02 0.06
N PHE C 149 7.22 36.96 0.43
CA PHE C 149 7.60 36.19 1.62
C PHE C 149 9.00 35.59 1.48
N PHE C 150 9.42 35.25 0.25
CA PHE C 150 10.76 34.74 0.04
C PHE C 150 11.80 35.68 0.64
N THR C 151 11.64 36.98 0.40
CA THR C 151 12.52 37.97 1.02
C THR C 151 12.61 37.70 2.52
N TYR C 152 11.45 37.72 3.20
CA TYR C 152 11.42 37.43 4.62
C TYR C 152 12.12 36.12 4.94
N ILE C 153 11.81 35.07 4.16
CA ILE C 153 12.39 33.76 4.44
C ILE C 153 13.91 33.82 4.38
N CYS C 154 14.44 34.51 3.37
CA CYS C 154 15.89 34.60 3.25
C CYS C 154 16.49 35.32 4.45
N GLY C 155 15.78 36.31 4.99
CA GLY C 155 16.27 36.94 6.21
C GLY C 155 16.20 36.00 7.39
N PHE C 156 15.10 35.25 7.52
CA PHE C 156 14.92 34.38 8.67
C PHE C 156 16.03 33.35 8.75
N ILE C 157 16.26 32.64 7.64
CA ILE C 157 17.35 31.66 7.58
C ILE C 157 18.66 32.29 8.02
N GLN C 158 18.91 33.53 7.63
CA GLN C 158 20.20 34.11 7.92
C GLN C 158 20.28 34.68 9.32
N GLN C 159 19.15 34.93 9.97
CA GLN C 159 19.15 35.57 11.28
C GLN C 159 18.61 34.69 12.39
N LYS C 160 17.68 33.79 12.10
CA LYS C 160 16.96 33.06 13.14
C LYS C 160 17.09 31.55 12.98
N LEU C 161 18.00 31.07 12.13
CA LEU C 161 18.25 29.64 11.99
C LEU C 161 19.54 29.30 12.72
N ALA C 162 19.45 28.36 13.65
CA ALA C 162 20.62 27.91 14.38
C ALA C 162 21.58 27.19 13.45
N LEU C 163 22.88 27.31 13.74
CA LEU C 163 23.86 26.51 13.04
C LEU C 163 23.60 25.03 13.32
N GLY C 164 23.59 24.23 12.26
CA GLY C 164 23.17 22.85 12.36
C GLY C 164 21.71 22.62 12.06
N GLY C 165 20.88 23.67 12.06
CA GLY C 165 19.48 23.53 11.76
C GLY C 165 19.24 23.27 10.28
N SER C 166 17.99 22.96 9.95
CA SER C 166 17.61 22.62 8.59
C SER C 166 16.33 23.34 8.18
N VAL C 167 16.10 23.36 6.86
CA VAL C 167 14.92 24.01 6.28
C VAL C 167 14.37 23.15 5.15
N ALA C 168 13.06 23.31 4.92
CA ALA C 168 12.38 22.79 3.73
C ALA C 168 11.41 23.87 3.26
N ILE C 169 11.73 24.51 2.15
CA ILE C 169 10.97 25.65 1.64
C ILE C 169 10.33 25.25 0.32
N LYS C 170 9.00 25.39 0.23
CA LYS C 170 8.30 25.00 -0.99
C LYS C 170 8.47 26.04 -2.08
N ILE C 171 8.76 25.57 -3.28
CA ILE C 171 8.86 26.40 -4.48
C ILE C 171 8.11 25.68 -5.59
N THR C 172 7.82 26.42 -6.66
CA THR C 172 7.20 25.88 -7.87
C THR C 172 7.94 26.48 -9.07
N GLU C 173 7.44 26.22 -10.28
CA GLU C 173 8.05 26.80 -11.47
C GLU C 173 8.09 28.32 -11.39
N HIS C 174 6.99 28.92 -10.93
CA HIS C 174 6.89 30.38 -10.89
C HIS C 174 7.03 30.96 -9.49
N SER C 175 6.93 30.13 -8.44
CA SER C 175 7.09 30.60 -7.07
C SER C 175 8.49 30.18 -6.60
N TRP C 176 9.47 31.04 -6.86
CA TRP C 176 10.86 30.74 -6.54
C TRP C 176 11.60 32.05 -6.30
N ASN C 177 12.83 31.93 -5.78
CA ASN C 177 13.64 33.09 -5.44
C ASN C 177 15.11 32.72 -5.57
N ALA C 178 15.86 33.53 -6.35
CA ALA C 178 17.26 33.23 -6.61
C ALA C 178 18.08 33.21 -5.32
N ASP C 179 17.81 34.14 -4.40
CA ASP C 179 18.61 34.20 -3.18
C ASP C 179 18.39 32.98 -2.30
N LEU C 180 17.19 32.39 -2.32
CA LEU C 180 16.98 31.16 -1.55
C LEU C 180 17.83 30.01 -2.09
N TYR C 181 17.87 29.86 -3.42
CA TYR C 181 18.78 28.90 -4.02
C TYR C 181 20.23 29.16 -3.61
N LYS C 182 20.65 30.43 -3.62
CA LYS C 182 22.03 30.72 -3.22
C LYS C 182 22.27 30.36 -1.75
N LEU C 183 21.28 30.61 -0.90
CA LEU C 183 21.39 30.29 0.52
C LEU C 183 21.51 28.79 0.74
N MET C 184 20.93 27.99 -0.17
CA MET C 184 21.06 26.53 -0.07
C MET C 184 22.53 26.10 -0.02
N GLY C 185 23.42 26.87 -0.65
CA GLY C 185 24.84 26.58 -0.56
C GLY C 185 25.49 26.94 0.77
N HIS C 186 24.73 27.51 1.71
CA HIS C 186 25.23 27.77 3.04
C HIS C 186 24.95 26.63 4.01
N PHE C 187 24.42 25.51 3.51
CA PHE C 187 24.17 24.31 4.29
C PHE C 187 25.20 23.26 3.97
N ALA C 188 25.33 22.29 4.88
CA ALA C 188 26.21 21.16 4.60
C ALA C 188 25.71 20.36 3.41
N TRP C 189 24.40 20.29 3.21
CA TRP C 189 23.84 19.53 2.10
C TRP C 189 22.55 20.22 1.66
N TRP C 190 22.18 20.02 0.39
CA TRP C 190 20.92 20.60 -0.08
C TRP C 190 20.38 19.79 -1.25
N THR C 191 19.08 19.94 -1.49
CA THR C 191 18.46 19.33 -2.66
C THR C 191 17.10 19.97 -2.93
N ALA C 192 16.53 19.63 -4.07
CA ALA C 192 15.14 19.91 -4.39
C ALA C 192 14.40 18.58 -4.41
N PHE C 193 13.40 18.44 -3.55
CA PHE C 193 12.74 17.15 -3.35
C PHE C 193 11.29 17.25 -3.82
N VAL C 194 10.88 16.28 -4.66
CA VAL C 194 9.53 16.20 -5.20
C VAL C 194 8.84 15.00 -4.59
N THR C 195 7.74 15.21 -3.87
CA THR C 195 7.01 14.09 -3.31
C THR C 195 6.35 13.28 -4.42
N ASN C 196 6.25 11.97 -4.21
CA ASN C 196 5.66 11.12 -5.24
C ASN C 196 4.16 11.36 -5.40
N VAL C 197 3.46 11.77 -4.34
CA VAL C 197 2.02 11.96 -4.45
C VAL C 197 1.64 13.23 -5.20
N ASN C 198 2.59 14.13 -5.44
CA ASN C 198 2.31 15.35 -6.19
C ASN C 198 3.36 15.55 -7.29
N ALA C 199 3.86 14.45 -7.84
CA ALA C 199 4.87 14.50 -8.90
C ALA C 199 4.34 15.09 -10.20
N SER C 200 3.03 15.29 -10.32
CA SER C 200 2.43 15.95 -11.47
C SER C 200 2.46 17.48 -11.36
N SER C 201 3.12 18.00 -10.34
CA SER C 201 3.26 19.43 -10.12
C SER C 201 4.72 19.82 -10.21
N SER C 202 4.98 21.07 -10.59
CA SER C 202 6.34 21.62 -10.52
C SER C 202 6.78 21.95 -9.11
N GLU C 203 5.90 21.76 -8.13
CA GLU C 203 6.25 22.00 -6.73
C GLU C 203 7.42 21.12 -6.31
N ALA C 204 8.32 21.70 -5.53
CA ALA C 204 9.40 20.97 -4.88
C ALA C 204 9.70 21.65 -3.56
N PHE C 205 10.44 20.96 -2.71
CA PHE C 205 10.91 21.51 -1.45
C PHE C 205 12.43 21.65 -1.54
N LEU C 206 12.90 22.89 -1.50
CA LEU C 206 14.33 23.15 -1.32
C LEU C 206 14.69 22.80 0.12
N ILE C 207 15.47 21.73 0.28
CA ILE C 207 15.86 21.24 1.59
C ILE C 207 17.31 21.60 1.81
N GLY C 208 17.56 22.35 2.88
CA GLY C 208 18.91 22.61 3.36
C GLY C 208 19.13 21.86 4.66
N CYS C 209 20.18 21.06 4.70
CA CYS C 209 20.49 20.19 5.82
C CYS C 209 21.79 20.63 6.46
N ASN C 210 21.69 21.01 7.75
CA ASN C 210 22.81 21.40 8.62
C ASN C 210 23.38 22.74 8.19
N TYR C 211 22.81 23.81 8.73
CA TYR C 211 23.19 25.18 8.35
C TYR C 211 24.58 25.50 8.87
N LEU C 212 25.41 26.07 8.00
CA LEU C 212 26.79 26.41 8.32
C LEU C 212 27.02 27.90 8.52
N GLY C 213 26.08 28.75 8.09
CA GLY C 213 26.19 30.18 8.27
C GLY C 213 27.14 30.87 7.32
N LYS C 214 27.75 30.16 6.40
CA LYS C 214 28.72 30.73 5.47
C LYS C 214 28.65 29.97 4.17
N PRO C 215 29.05 30.59 3.06
CA PRO C 215 28.96 29.90 1.76
C PRO C 215 29.94 28.75 1.65
N ARG C 216 29.43 27.52 1.69
CA ARG C 216 30.24 26.36 1.38
C ARG C 216 30.29 26.09 -0.11
N GLU C 217 29.21 26.40 -0.81
CA GLU C 217 29.06 26.16 -2.23
C GLU C 217 28.50 27.43 -2.88
N GLN C 218 29.14 27.89 -3.94
CA GLN C 218 28.66 29.06 -4.66
C GLN C 218 27.58 28.64 -5.64
N ILE C 219 26.41 29.27 -5.56
CA ILE C 219 25.25 28.89 -6.34
C ILE C 219 24.66 30.13 -7.00
N ASP C 220 24.47 30.08 -8.31
CA ASP C 220 23.71 31.08 -9.05
C ASP C 220 22.24 30.67 -9.04
N GLY C 221 21.40 31.43 -8.35
CA GLY C 221 20.02 31.02 -8.15
C GLY C 221 19.21 30.92 -9.44
N TYR C 222 19.38 31.89 -10.34
CA TYR C 222 18.65 31.85 -11.61
C TYR C 222 19.04 30.61 -12.40
N VAL C 223 20.35 30.38 -12.53
CA VAL C 223 20.82 29.19 -13.24
C VAL C 223 20.33 27.94 -12.55
N MET C 224 20.30 27.94 -11.21
CA MET C 224 19.92 26.71 -10.52
C MET C 224 18.43 26.41 -10.67
N HIS C 225 17.59 27.44 -10.70
CA HIS C 225 16.19 27.20 -10.97
C HIS C 225 15.97 26.73 -12.40
N ALA C 226 16.75 27.27 -13.35
CA ALA C 226 16.71 26.74 -14.71
C ALA C 226 17.10 25.26 -14.72
N ASN C 227 18.12 24.89 -13.95
CA ASN C 227 18.54 23.50 -13.85
C ASN C 227 17.44 22.63 -13.28
N TYR C 228 16.75 23.13 -12.25
CA TYR C 228 15.64 22.38 -11.68
C TYR C 228 14.53 22.15 -12.71
N ILE C 229 14.19 23.21 -13.45
CA ILE C 229 13.13 23.08 -14.45
C ILE C 229 13.53 22.09 -15.54
N PHE C 230 14.79 22.15 -15.98
CA PHE C 230 15.26 21.21 -16.98
C PHE C 230 15.17 19.78 -16.49
N TRP C 231 15.59 19.54 -15.24
CA TRP C 231 15.49 18.20 -14.67
C TRP C 231 14.05 17.72 -14.63
N ARG C 232 13.12 18.60 -14.22
CA ARG C 232 11.71 18.22 -14.18
C ARG C 232 11.17 17.92 -15.58
N ASN C 233 11.64 18.68 -16.58
CA ASN C 233 11.16 18.50 -17.94
C ASN C 233 11.66 17.19 -18.55
N THR C 234 12.89 16.80 -18.26
CA THR C 234 13.47 15.64 -18.91
C THR C 234 13.32 14.35 -18.11
N ASN C 235 12.86 14.40 -16.87
CA ASN C 235 12.76 13.23 -16.02
C ASN C 235 11.36 13.15 -15.42
N PRO C 236 10.40 12.66 -16.18
CA PRO C 236 9.03 12.57 -15.66
C PRO C 236 8.96 11.59 -14.50
N ILE C 237 8.06 11.90 -13.55
CA ILE C 237 7.87 11.09 -12.35
C ILE C 237 6.42 10.65 -12.30
N GLN C 238 6.20 9.36 -12.10
CA GLN C 238 4.84 8.84 -11.99
C GLN C 238 4.32 9.08 -10.58
N LEU C 239 3.05 9.51 -10.49
CA LEU C 239 2.40 9.65 -9.20
C LEU C 239 2.41 8.31 -8.46
N SER C 240 2.72 8.37 -7.17
CA SER C 240 2.89 7.15 -6.38
C SER C 240 2.65 7.47 -4.91
N SER C 241 1.96 6.56 -4.21
CA SER C 241 1.75 6.72 -2.78
C SER C 241 2.11 5.45 -2.01
N TYR C 242 3.01 4.63 -2.58
CA TYR C 242 3.37 3.36 -1.95
C TYR C 242 3.97 3.57 -0.56
N SER C 243 4.87 4.56 -0.42
CA SER C 243 5.55 4.77 0.84
C SER C 243 4.59 5.08 1.99
N LEU C 244 3.34 5.42 1.70
CA LEU C 244 2.37 5.73 2.74
C LEU C 244 1.79 4.49 3.40
N PHE C 245 2.11 3.29 2.93
CA PHE C 245 1.47 2.08 3.46
C PHE C 245 2.19 1.46 4.65
N ASP C 246 3.42 1.88 4.95
CA ASP C 246 4.13 1.42 6.13
C ASP C 246 4.55 2.64 6.93
N MET C 247 3.89 2.87 8.07
CA MET C 247 4.22 4.00 8.93
C MET C 247 4.99 3.58 10.17
N SER C 248 5.50 2.34 10.21
CA SER C 248 6.12 1.83 11.42
C SER C 248 7.40 2.56 11.79
N LYS C 249 8.10 3.15 10.82
CA LYS C 249 9.38 3.81 11.07
C LYS C 249 9.30 5.31 10.84
N PHE C 250 8.12 5.90 11.05
CA PHE C 250 7.89 7.30 10.67
C PHE C 250 8.42 8.32 11.68
N PRO C 251 8.21 8.16 13.00
CA PRO C 251 8.64 9.20 13.93
C PRO C 251 10.11 9.55 13.77
N LEU C 252 10.40 10.85 13.87
CA LEU C 252 11.77 11.31 13.79
C LEU C 252 12.57 10.78 14.97
N LYS C 253 13.70 10.14 14.69
CA LYS C 253 14.52 9.55 15.75
C LYS C 253 15.16 10.64 16.57
N LEU C 254 14.78 10.73 17.85
CA LEU C 254 15.33 11.71 18.77
C LEU C 254 16.74 11.28 19.16
N ARG C 255 17.75 11.98 18.67
CA ARG C 255 19.14 11.64 18.95
C ARG C 255 19.77 12.50 20.05
N GLY C 256 18.99 13.40 20.67
CA GLY C 256 19.53 14.22 21.75
C GLY C 256 20.73 15.04 21.32
N THR C 257 20.69 15.61 20.12
CA THR C 257 21.79 16.41 19.59
C THR C 257 22.24 17.45 20.61
N ALA C 258 23.55 17.58 20.77
CA ALA C 258 24.08 18.56 21.71
C ALA C 258 23.76 19.97 21.25
N VAL C 259 23.45 20.84 22.21
CA VAL C 259 23.16 22.25 21.97
C VAL C 259 24.15 23.08 22.77
N MET C 260 24.79 24.05 22.12
CA MET C 260 25.71 24.91 22.81
C MET C 260 25.61 26.33 22.27
N SER C 261 26.03 27.29 23.09
CA SER C 261 25.96 28.69 22.74
C SER C 261 27.17 29.09 21.91
N LEU C 262 26.95 30.06 21.03
CA LEU C 262 28.00 30.55 20.15
C LEU C 262 28.97 31.45 20.91
N LYS C 263 30.25 31.32 20.61
CA LYS C 263 31.30 32.15 21.16
C LYS C 263 32.00 32.88 20.02
N GLU C 264 32.87 33.82 20.37
CA GLU C 264 33.53 34.64 19.36
C GLU C 264 34.54 33.79 18.59
N GLY C 265 34.31 33.63 17.28
CA GLY C 265 35.22 32.90 16.40
C GLY C 265 35.69 31.56 16.92
N GLN C 266 34.76 30.73 17.38
CA GLN C 266 35.09 29.43 17.95
C GLN C 266 34.78 28.28 17.00
N ILE C 267 34.47 28.57 15.74
CA ILE C 267 34.07 27.54 14.78
C ILE C 267 35.28 26.86 14.17
N ASN C 268 35.96 26.03 14.95
CA ASN C 268 37.05 25.24 14.40
C ASN C 268 36.51 24.06 13.60
N ASP C 269 37.42 23.37 12.89
CA ASP C 269 37.00 22.33 11.95
C ASP C 269 36.28 21.18 12.64
N MET C 270 36.57 20.93 13.92
CA MET C 270 35.78 19.95 14.67
C MET C 270 34.32 20.41 14.77
N ILE C 271 34.11 21.71 15.00
CA ILE C 271 32.75 22.24 15.06
C ILE C 271 32.05 22.09 13.72
N LEU C 272 32.76 22.40 12.62
CA LEU C 272 32.16 22.21 11.30
C LEU C 272 31.81 20.75 11.05
N SER C 273 32.67 19.83 11.47
CA SER C 273 32.38 18.42 11.32
C SER C 273 31.09 18.04 12.04
N LEU C 274 31.00 18.40 13.32
CA LEU C 274 29.81 18.02 14.08
C LEU C 274 28.55 18.69 13.53
N LEU C 275 28.68 19.94 13.05
CA LEU C 275 27.53 20.62 12.47
C LEU C 275 27.08 19.92 11.19
N SER C 276 28.02 19.55 10.32
CA SER C 276 27.70 18.92 9.06
C SER C 276 27.20 17.49 9.21
N LYS C 277 27.39 16.87 10.37
CA LYS C 277 26.91 15.50 10.56
C LYS C 277 25.65 15.44 11.41
N GLY C 278 24.97 16.56 11.63
CA GLY C 278 23.79 16.57 12.46
C GLY C 278 24.03 16.32 13.94
N ARG C 279 25.25 16.59 14.42
CA ARG C 279 25.65 16.28 15.79
C ARG C 279 25.70 17.49 16.70
N LEU C 280 25.36 18.68 16.21
CA LEU C 280 25.50 19.88 17.03
C LEU C 280 24.56 20.97 16.54
N ILE C 281 23.87 21.59 17.49
CA ILE C 281 23.09 22.81 17.27
C ILE C 281 23.73 23.92 18.08
N ILE C 282 23.94 25.06 17.44
CA ILE C 282 24.58 26.21 18.09
C ILE C 282 23.55 27.32 18.16
N ARG C 283 23.12 27.62 19.39
CA ARG C 283 22.15 28.67 19.69
C ARG C 283 21.95 28.70 21.20
N GLU C 284 21.32 29.77 21.68
CA GLU C 284 20.87 29.81 23.06
C GLU C 284 19.64 28.92 23.24
N ASN C 285 19.32 28.62 24.50
CA ASN C 285 18.30 27.62 24.81
C ASN C 285 17.39 28.09 25.93
N ASN C 286 16.98 29.36 25.89
CA ASN C 286 16.03 29.85 26.87
C ASN C 286 14.62 29.69 26.35
N ARG C 287 13.64 30.16 27.13
CA ARG C 287 12.24 30.08 26.72
C ARG C 287 12.01 30.90 25.47
N VAL C 288 11.19 30.38 24.56
CA VAL C 288 10.93 31.02 23.28
C VAL C 288 9.80 32.02 23.43
N VAL C 289 9.96 33.20 22.86
CA VAL C 289 8.92 34.22 22.84
C VAL C 289 8.81 34.74 21.41
N ILE C 290 7.70 34.44 20.75
CA ILE C 290 7.49 34.80 19.35
C ILE C 290 6.08 35.36 19.22
N SER C 291 5.93 36.33 18.31
CA SER C 291 4.63 36.98 18.17
C SER C 291 4.51 37.57 16.78
N SER C 292 3.26 37.78 16.37
CA SER C 292 2.95 38.47 15.12
C SER C 292 2.09 39.71 15.37
N ASP C 293 2.10 40.22 16.60
CA ASP C 293 1.32 41.40 16.93
C ASP C 293 1.77 42.58 16.09
N VAL C 294 0.83 43.19 15.37
CA VAL C 294 1.15 44.30 14.49
C VAL C 294 0.64 45.61 15.08
N VAL D 7 -20.55 29.26 -0.95
CA VAL D 7 -19.95 29.47 0.36
C VAL D 7 -18.91 28.38 0.65
N PRO D 8 -17.84 28.74 1.38
CA PRO D 8 -16.84 27.73 1.76
C PRO D 8 -17.46 26.62 2.59
N ALA D 9 -16.79 25.47 2.59
CA ALA D 9 -17.29 24.31 3.31
C ALA D 9 -17.26 24.55 4.81
N ASN D 10 -18.35 24.14 5.48
CA ASN D 10 -18.57 24.20 6.92
C ASN D 10 -18.88 25.61 7.44
N SER D 11 -18.82 26.64 6.59
CA SER D 11 -19.01 28.01 7.06
C SER D 11 -20.37 28.19 7.73
N THR D 12 -21.42 27.66 7.10
CA THR D 12 -22.77 27.86 7.63
C THR D 12 -22.90 27.23 9.02
N VAL D 13 -22.55 25.96 9.16
CA VAL D 13 -22.77 25.28 10.43
C VAL D 13 -21.83 25.84 11.51
N LEU D 14 -20.60 26.19 11.13
CA LEU D 14 -19.67 26.73 12.13
C LEU D 14 -20.11 28.10 12.60
N SER D 15 -20.63 28.94 11.69
CA SER D 15 -21.19 30.23 12.09
C SER D 15 -22.40 30.04 13.00
N PHE D 16 -23.32 29.15 12.59
CA PHE D 16 -24.53 28.94 13.39
C PHE D 16 -24.19 28.47 14.80
N CYS D 17 -23.21 27.58 14.94
CA CYS D 17 -22.83 27.10 16.26
C CYS D 17 -22.09 28.18 17.05
N ALA D 18 -21.20 28.93 16.40
CA ALA D 18 -20.47 29.99 17.09
C ALA D 18 -21.40 31.09 17.58
N PHE D 19 -22.57 31.26 16.95
CA PHE D 19 -23.48 32.32 17.37
C PHE D 19 -24.23 31.97 18.65
N ALA D 20 -24.46 30.69 18.91
CA ALA D 20 -25.26 30.28 20.06
C ALA D 20 -24.45 30.32 21.35
N VAL D 21 -25.17 30.51 22.46
CA VAL D 21 -24.52 30.51 23.77
C VAL D 21 -24.03 29.11 24.13
N ASP D 22 -24.76 28.08 23.70
CA ASP D 22 -24.39 26.68 23.92
C ASP D 22 -24.14 26.08 22.54
N ALA D 23 -22.89 26.15 22.08
CA ALA D 23 -22.57 25.69 20.73
C ALA D 23 -22.72 24.18 20.59
N ALA D 24 -22.46 23.42 21.67
CA ALA D 24 -22.64 21.98 21.61
C ALA D 24 -24.09 21.60 21.35
N LYS D 25 -25.01 22.25 22.08
CA LYS D 25 -26.42 21.99 21.86
C LYS D 25 -26.83 22.45 20.46
N ALA D 26 -26.27 23.57 19.98
CA ALA D 26 -26.58 24.04 18.64
C ALA D 26 -26.18 23.02 17.60
N TYR D 27 -25.00 22.42 17.74
CA TYR D 27 -24.54 21.42 16.79
C TYR D 27 -25.36 20.13 16.89
N LYS D 28 -25.70 19.71 18.11
CA LYS D 28 -26.49 18.50 18.26
C LYS D 28 -27.88 18.67 17.68
N ASP D 29 -28.46 19.87 17.82
CA ASP D 29 -29.76 20.12 17.22
C ASP D 29 -29.66 20.18 15.69
N TYR D 30 -28.61 20.82 15.18
CA TYR D 30 -28.36 20.82 13.74
C TYR D 30 -28.28 19.39 13.20
N LEU D 31 -27.60 18.50 13.93
CA LEU D 31 -27.49 17.11 13.49
C LEU D 31 -28.83 16.39 13.57
N ALA D 32 -29.59 16.62 14.65
CA ALA D 32 -30.87 15.95 14.81
C ALA D 32 -31.88 16.35 13.74
N SER D 33 -31.71 17.51 13.11
CA SER D 33 -32.56 17.98 12.03
C SER D 33 -32.06 17.52 10.66
N GLY D 34 -31.02 16.69 10.60
CA GLY D 34 -30.51 16.16 9.35
C GLY D 34 -29.35 16.92 8.73
N GLY D 35 -28.70 17.79 9.47
CA GLY D 35 -27.60 18.56 8.91
C GLY D 35 -26.38 17.69 8.63
N GLN D 36 -25.62 18.11 7.63
CA GLN D 36 -24.40 17.39 7.28
C GLN D 36 -23.34 17.64 8.36
N PRO D 37 -22.71 16.61 8.88
CA PRO D 37 -21.68 16.80 9.92
C PRO D 37 -20.52 17.67 9.42
N ILE D 38 -19.83 18.27 10.38
CA ILE D 38 -18.64 19.07 10.08
C ILE D 38 -17.63 18.22 9.35
N THR D 39 -17.05 18.77 8.29
CA THR D 39 -16.09 18.04 7.47
C THR D 39 -14.67 18.55 7.71
N ASN D 40 -13.73 17.93 7.01
CA ASN D 40 -12.33 18.31 6.98
C ASN D 40 -11.65 18.14 8.33
N CYS D 41 -12.13 17.21 9.15
CA CYS D 41 -11.30 16.71 10.24
C CYS D 41 -10.11 15.98 9.63
N VAL D 42 -8.93 16.21 10.20
CA VAL D 42 -7.67 15.81 9.58
C VAL D 42 -7.34 14.38 10.02
N LYS D 43 -7.60 13.41 9.14
CA LYS D 43 -7.24 12.02 9.41
C LYS D 43 -5.76 11.81 9.10
N MET D 44 -5.06 11.12 10.01
CA MET D 44 -3.63 10.88 9.86
C MET D 44 -3.39 9.47 9.31
N LEU D 45 -2.24 9.30 8.66
CA LEU D 45 -1.74 7.97 8.33
C LEU D 45 -1.10 7.38 9.58
N CYS D 46 -1.41 6.12 9.86
CA CYS D 46 -0.83 5.44 11.02
C CYS D 46 -0.83 3.93 10.77
N THR D 47 -0.25 3.19 11.71
CA THR D 47 -0.11 1.74 11.57
C THR D 47 -1.35 0.97 12.00
N HIS D 48 -2.27 1.61 12.73
CA HIS D 48 -3.45 0.97 13.31
C HIS D 48 -3.10 -0.18 14.24
N THR D 49 -1.89 -0.16 14.81
CA THR D 49 -1.47 -1.11 15.82
C THR D 49 -1.22 -0.42 17.16
N GLY D 50 -1.95 0.67 17.43
CA GLY D 50 -1.76 1.45 18.63
C GLY D 50 -2.63 0.97 19.79
N THR D 51 -2.49 1.67 20.92
CA THR D 51 -3.16 1.26 22.15
C THR D 51 -4.68 1.40 22.07
N GLY D 52 -5.20 2.20 21.15
CA GLY D 52 -6.62 2.41 21.04
C GLY D 52 -7.20 3.39 22.03
N GLN D 53 -6.38 4.04 22.84
CA GLN D 53 -6.86 5.03 23.79
C GLN D 53 -7.47 6.22 23.07
N ALA D 54 -8.28 6.98 23.81
CA ALA D 54 -9.15 7.98 23.19
C ALA D 54 -8.35 9.21 22.72
N ILE D 55 -7.54 9.78 23.60
CA ILE D 55 -6.82 11.02 23.29
C ILE D 55 -5.37 10.84 23.70
N THR D 56 -4.46 10.91 22.73
CA THR D 56 -3.05 10.55 22.93
C THR D 56 -2.14 11.57 22.26
N VAL D 57 -0.86 11.54 22.65
CA VAL D 57 0.11 12.49 22.12
C VAL D 57 0.55 12.14 20.70
N THR D 58 0.44 10.89 20.29
CA THR D 58 0.68 10.43 18.94
C THR D 58 -0.51 9.58 18.51
N PRO D 59 -0.69 9.35 17.20
CA PRO D 59 -1.79 8.48 16.76
C PRO D 59 -1.69 7.09 17.38
N GLU D 60 -2.80 6.66 17.99
CA GLU D 60 -2.84 5.38 18.68
C GLU D 60 -4.04 4.55 18.24
N ALA D 61 -4.53 4.78 17.03
CA ALA D 61 -5.64 4.00 16.51
C ALA D 61 -5.29 2.51 16.52
N ASN D 62 -6.28 1.69 16.86
CA ASN D 62 -6.16 0.26 16.66
C ASN D 62 -6.84 -0.07 15.32
N MET D 63 -7.01 -1.37 15.05
CA MET D 63 -7.58 -1.75 13.75
C MET D 63 -9.04 -1.32 13.59
N ASP D 64 -9.70 -0.88 14.66
CA ASP D 64 -11.10 -0.50 14.60
C ASP D 64 -11.31 1.01 14.74
N GLN D 65 -10.23 1.80 14.68
CA GLN D 65 -10.32 3.23 14.88
C GLN D 65 -9.60 3.97 13.76
N GLU D 66 -9.81 5.27 13.73
CA GLU D 66 -9.07 6.18 12.88
C GLU D 66 -8.54 7.30 13.77
N SER D 67 -7.32 7.76 13.48
CA SER D 67 -6.69 8.82 14.27
C SER D 67 -6.83 10.15 13.56
N PHE D 68 -7.26 11.17 14.30
CA PHE D 68 -7.42 12.52 13.76
C PHE D 68 -6.62 13.52 14.58
N GLY D 69 -6.14 14.57 13.90
CA GLY D 69 -5.61 15.74 14.58
C GLY D 69 -6.64 16.32 15.53
N GLY D 70 -6.26 16.47 16.80
CA GLY D 70 -7.23 16.79 17.82
C GLY D 70 -7.97 18.10 17.57
N ALA D 71 -7.23 19.15 17.19
CA ALA D 71 -7.85 20.46 17.03
C ALA D 71 -8.95 20.44 15.98
N SER D 72 -8.71 19.74 14.86
CA SER D 72 -9.72 19.70 13.81
C SER D 72 -10.99 18.95 14.21
N CYS D 73 -10.97 18.20 15.32
CA CYS D 73 -12.15 17.49 15.79
C CYS D 73 -12.82 18.16 16.98
N CYS D 74 -12.41 19.36 17.34
CA CYS D 74 -12.97 20.08 18.48
C CYS D 74 -13.93 21.13 17.99
N LEU D 75 -15.18 21.07 18.46
CA LEU D 75 -16.18 22.03 18.01
C LEU D 75 -15.77 23.46 18.34
N TYR D 76 -15.25 23.68 19.55
CA TYR D 76 -14.89 25.03 19.96
C TYR D 76 -13.68 25.53 19.20
N CYS D 77 -12.67 24.67 19.01
CA CYS D 77 -11.54 25.03 18.17
C CYS D 77 -12.02 25.43 16.77
N ARG D 78 -12.89 24.62 16.17
CA ARG D 78 -13.31 24.84 14.79
C ARG D 78 -14.19 26.07 14.65
N CYS D 79 -14.99 26.40 15.67
CA CYS D 79 -15.84 27.59 15.63
C CYS D 79 -15.12 28.86 16.08
N HIS D 80 -13.88 28.74 16.56
CA HIS D 80 -13.12 29.88 17.11
C HIS D 80 -13.90 30.56 18.23
N ILE D 81 -14.38 29.75 19.18
CA ILE D 81 -15.07 30.22 20.37
C ILE D 81 -14.36 29.69 21.59
N ASP D 82 -14.66 30.30 22.74
CA ASP D 82 -14.02 29.89 23.98
C ASP D 82 -14.52 28.52 24.43
N HIS D 83 -13.61 27.76 25.06
CA HIS D 83 -13.93 26.42 25.53
C HIS D 83 -14.58 26.48 26.91
N PRO D 84 -15.62 25.71 27.15
CA PRO D 84 -16.20 25.62 28.50
C PRO D 84 -15.59 24.53 29.37
N ASN D 85 -14.51 23.89 28.93
CA ASN D 85 -13.89 22.81 29.68
C ASN D 85 -13.54 23.29 31.09
N PRO D 86 -13.97 22.58 32.14
CA PRO D 86 -13.68 23.03 33.50
C PRO D 86 -12.20 23.18 33.81
N LYS D 87 -11.33 22.42 33.13
CA LYS D 87 -9.89 22.54 33.38
C LYS D 87 -9.32 23.86 32.86
N GLY D 88 -10.06 24.59 32.01
CA GLY D 88 -9.58 25.84 31.48
C GLY D 88 -8.80 25.74 30.19
N PHE D 89 -8.67 24.54 29.63
CA PHE D 89 -7.96 24.34 28.38
C PHE D 89 -8.62 23.19 27.63
N CYS D 90 -8.22 23.03 26.38
CA CYS D 90 -8.78 22.00 25.51
C CYS D 90 -8.02 20.69 25.68
N ASP D 91 -8.78 19.58 25.74
CA ASP D 91 -8.17 18.26 25.81
C ASP D 91 -7.72 17.74 24.45
N LEU D 92 -8.22 18.32 23.35
CA LEU D 92 -7.99 17.79 22.01
C LEU D 92 -6.88 18.51 21.26
N LYS D 93 -6.81 19.84 21.37
CA LYS D 93 -5.82 20.61 20.63
C LYS D 93 -4.40 20.20 20.98
N GLY D 94 -3.60 19.90 19.95
CA GLY D 94 -2.24 19.45 20.15
C GLY D 94 -2.07 17.97 20.36
N LYS D 95 -3.17 17.21 20.41
CA LYS D 95 -3.13 15.77 20.59
C LYS D 95 -3.80 15.09 19.39
N TYR D 96 -3.99 13.78 19.52
CA TYR D 96 -4.64 12.97 18.49
C TYR D 96 -5.80 12.21 19.12
N VAL D 97 -6.94 12.23 18.44
CA VAL D 97 -8.15 11.60 18.95
C VAL D 97 -8.45 10.37 18.10
N GLN D 98 -8.71 9.27 18.78
CA GLN D 98 -9.08 8.01 18.13
C GLN D 98 -10.61 7.94 18.06
N ILE D 99 -11.13 7.77 16.85
CA ILE D 99 -12.56 7.73 16.60
C ILE D 99 -12.89 6.33 16.07
N PRO D 100 -13.90 5.64 16.62
CA PRO D 100 -14.29 4.36 16.04
C PRO D 100 -14.64 4.53 14.57
N THR D 101 -14.21 3.54 13.76
CA THR D 101 -14.33 3.68 12.31
C THR D 101 -15.79 3.87 11.88
N THR D 102 -16.72 3.24 12.59
CA THR D 102 -18.14 3.39 12.27
C THR D 102 -18.64 4.81 12.49
N CYS D 103 -17.96 5.59 13.34
CA CYS D 103 -18.37 6.95 13.66
C CYS D 103 -17.47 8.00 13.02
N ALA D 104 -16.51 7.59 12.19
CA ALA D 104 -15.54 8.52 11.61
C ALA D 104 -16.16 9.49 10.60
N ASN D 105 -17.44 9.36 10.29
CA ASN D 105 -18.11 10.33 9.44
C ASN D 105 -18.41 11.64 10.18
N ASP D 106 -18.32 11.64 11.50
CA ASP D 106 -18.63 12.82 12.31
C ASP D 106 -17.75 12.80 13.57
N PRO D 107 -16.46 13.09 13.42
CA PRO D 107 -15.58 13.08 14.61
C PRO D 107 -15.91 14.18 15.61
N VAL D 108 -16.32 15.37 15.13
CA VAL D 108 -16.68 16.45 16.05
C VAL D 108 -17.88 16.03 16.90
N GLY D 109 -18.91 15.49 16.25
CA GLY D 109 -20.05 14.98 17.00
C GLY D 109 -19.67 13.89 17.97
N PHE D 110 -18.74 13.01 17.57
CA PHE D 110 -18.34 11.93 18.46
C PHE D 110 -17.62 12.46 19.70
N THR D 111 -16.69 13.40 19.53
CA THR D 111 -16.01 13.93 20.70
C THR D 111 -16.96 14.74 21.58
N LEU D 112 -17.99 15.35 20.98
CA LEU D 112 -18.98 16.06 21.79
C LEU D 112 -19.84 15.12 22.60
N LYS D 113 -20.26 14.00 22.01
CA LYS D 113 -21.26 13.14 22.63
C LYS D 113 -20.68 12.09 23.57
N ASN D 114 -19.35 11.93 23.61
CA ASN D 114 -18.75 10.83 24.35
C ASN D 114 -17.74 11.36 25.37
N THR D 115 -17.31 10.46 26.24
CA THR D 115 -16.47 10.80 27.38
C THR D 115 -15.39 9.75 27.55
N VAL D 116 -14.26 10.17 28.10
CA VAL D 116 -13.08 9.33 28.26
C VAL D 116 -13.04 8.83 29.70
N CYS D 117 -12.82 7.52 29.87
CA CYS D 117 -12.62 6.96 31.18
C CYS D 117 -11.29 7.42 31.75
N THR D 118 -11.33 8.04 32.92
CA THR D 118 -10.13 8.59 33.54
C THR D 118 -9.22 7.52 34.14
N VAL D 119 -9.61 6.25 34.11
CA VAL D 119 -8.80 5.19 34.69
C VAL D 119 -7.97 4.54 33.58
N CYS D 120 -8.63 4.00 32.56
CA CYS D 120 -7.93 3.30 31.49
C CYS D 120 -7.64 4.16 30.27
N GLY D 121 -8.32 5.30 30.12
CA GLY D 121 -8.08 6.16 28.99
C GLY D 121 -8.82 5.82 27.72
N MET D 122 -9.74 4.87 27.77
CA MET D 122 -10.50 4.49 26.58
C MET D 122 -11.81 5.27 26.52
N TRP D 123 -12.39 5.32 25.33
CA TRP D 123 -13.72 5.88 25.17
C TRP D 123 -14.73 5.06 25.95
N LYS D 124 -15.47 5.72 26.84
CA LYS D 124 -16.53 5.05 27.56
C LYS D 124 -17.57 4.55 26.56
N GLY D 125 -17.84 3.24 26.58
CA GLY D 125 -18.75 2.66 25.63
C GLY D 125 -18.15 2.26 24.30
N TYR D 126 -16.86 2.52 24.09
CA TYR D 126 -16.17 2.17 22.85
C TYR D 126 -14.75 1.72 23.15
N GLY D 127 -14.59 0.82 24.11
CA GLY D 127 -13.28 0.30 24.42
C GLY D 127 -13.03 0.13 25.91
N CYS D 128 -13.76 0.90 26.72
CA CYS D 128 -13.63 0.80 28.16
C CYS D 128 -14.40 -0.42 28.66
N SER D 129 -13.69 -1.31 29.36
CA SER D 129 -14.30 -2.50 29.95
C SER D 129 -14.04 -2.56 31.45
N CYS D 130 -13.89 -1.39 32.10
CA CYS D 130 -13.64 -1.37 33.53
C CYS D 130 -14.85 -1.86 34.32
N ASP D 131 -16.05 -1.50 33.88
CA ASP D 131 -17.25 -1.89 34.63
C ASP D 131 -17.53 -3.38 34.47
N GLN D 132 -17.40 -3.91 33.26
CA GLN D 132 -17.65 -5.33 33.02
C GLN D 132 -16.37 -6.14 33.13
P A2M E 1 5.18 -13.01 -21.03
OP1 A2M E 1 5.07 -11.78 -20.15
O5' A2M E 1 4.60 -14.30 -20.21
C5' A2M E 1 3.38 -14.14 -19.54
C4' A2M E 1 3.16 -15.46 -18.77
O4' A2M E 1 3.28 -16.46 -19.59
C3' A2M E 1 4.30 -15.62 -17.76
O3' A2M E 1 4.01 -15.05 -16.57
C2' A2M E 1 4.41 -17.14 -17.63
O2' A2M E 1 3.47 -17.62 -16.57
C1' A2M E 1 4.09 -17.63 -18.80
CM' A2M E 1 3.11 -18.96 -16.67
N9 A2M E 1 5.31 -17.95 -19.49
C8 A2M E 1 6.06 -17.14 -20.25
N7 A2M E 1 7.10 -17.84 -20.69
C5 A2M E 1 7.01 -19.08 -20.20
C6 A2M E 1 7.81 -20.19 -20.34
N6 A2M E 1 9.04 -20.48 -21.05
N1 A2M E 1 7.48 -21.32 -19.73
C2 A2M E 1 6.37 -21.39 -18.97
N3 A2M E 1 5.57 -20.30 -18.84
C4 A2M E 1 5.90 -19.15 -19.45
OP2 A2M E 1 6.65 -13.27 -21.35
P A2M F 1 0.40 23.63 -8.76
OP1 A2M F 1 0.39 22.13 -8.77
O5' A2M F 1 0.51 24.10 -7.20
C5' A2M F 1 1.46 23.47 -6.41
C4' A2M F 1 1.26 23.98 -4.98
O4' A2M F 1 1.28 25.29 -4.98
C3' A2M F 1 -0.16 23.60 -4.52
O3' A2M F 1 -0.20 22.40 -3.91
C2' A2M F 1 -0.49 24.73 -3.52
O2' A2M F 1 0.00 24.35 -2.16
C1' A2M F 1 0.13 25.80 -3.96
CM' A2M F 1 0.22 25.40 -1.27
N9 A2M F 1 -0.83 26.62 -4.66
C8 A2M F 1 -1.19 26.52 -5.94
N7 A2M F 1 -2.11 27.45 -6.18
C5 A2M F 1 -2.33 28.12 -5.03
C6 A2M F 1 -3.16 29.16 -4.72
N6 A2M F 1 -4.13 29.95 -5.48
N1 A2M F 1 -3.18 29.66 -3.50
C2 A2M F 1 -2.38 29.13 -2.54
N3 A2M F 1 -1.56 28.10 -2.85
C4 A2M F 1 -1.53 27.60 -4.09
OP2 A2M F 1 -0.90 24.17 -9.34
MG MG G . 5.59 -9.74 -16.20
N SAH H . 0.92 -20.87 -11.89
CA SAH H . 2.26 -21.36 -11.59
CB SAH H . 3.23 -21.04 -12.74
CG SAH H . 2.76 -21.63 -14.06
SD SAH H . 4.15 -21.94 -15.21
C SAH H . 2.76 -20.75 -10.29
O SAH H . 3.96 -20.43 -10.17
OXT SAH H . 1.89 -20.62 -9.41
C5' SAH H . 3.24 -22.74 -16.55
C4' SAH H . 3.13 -24.23 -16.31
O4' SAH H . 2.34 -24.86 -17.33
C3' SAH H . 4.49 -24.92 -16.34
O3' SAH H . 4.81 -25.33 -15.03
C2' SAH H . 4.28 -26.10 -17.30
O2' SAH H . 4.94 -27.25 -16.86
C1' SAH H . 2.75 -26.20 -17.39
N9 SAH H . 2.26 -26.84 -18.58
C8 SAH H . 2.44 -26.46 -19.89
N7 SAH H . 1.87 -27.25 -20.74
C5 SAH H . 1.28 -28.23 -19.98
C6 SAH H . 0.53 -29.37 -20.30
N6 SAH H . 0.23 -29.72 -21.56
N1 SAH H . 0.08 -30.14 -19.29
C2 SAH H . 0.37 -29.78 -18.05
N3 SAH H . 1.08 -28.74 -17.61
C4 SAH H . 1.51 -27.99 -18.63
C1 EDO I . 4.06 -34.20 -5.24
O1 EDO I . 4.81 -35.20 -4.58
C2 EDO I . 3.37 -34.75 -6.46
O2 EDO I . 2.17 -35.41 -6.10
C1 EDO J . -26.88 -18.02 -2.01
O1 EDO J . -26.49 -18.27 -0.67
C2 EDO J . -26.77 -19.27 -2.82
O2 EDO J . -27.30 -20.38 -2.12
C1 EDO K . -13.39 0.74 -30.36
O1 EDO K . -13.01 1.13 -31.66
C2 EDO K . -13.32 1.93 -29.44
O2 EDO K . -12.12 2.64 -29.66
C1 EDO L . 6.75 -15.18 -31.93
O1 EDO L . 6.40 -16.17 -32.87
C2 EDO L . 6.80 -15.78 -30.54
O2 EDO L . 5.63 -16.53 -30.29
C1 EDO M . 3.26 -13.02 -35.79
O1 EDO M . 3.26 -12.14 -34.68
C2 EDO M . 3.59 -14.43 -35.35
O2 EDO M . 4.83 -14.46 -34.69
ZN ZN N . 5.70 -32.07 4.60
ZN ZN O . 1.48 -22.98 25.23
C1 EDO P . 0.94 -35.32 4.14
O1 EDO P . -0.18 -36.06 3.71
C2 EDO P . 2.17 -36.18 4.15
O2 EDO P . 2.39 -36.73 2.87
C1 EDO Q . 15.18 -41.72 10.36
O1 EDO Q . 16.25 -41.49 11.25
C2 EDO Q . 13.94 -40.99 10.83
O2 EDO Q . 14.23 -39.61 10.98
C1 EDO R . 12.65 -18.77 1.94
O1 EDO R . 13.98 -18.43 2.31
C2 EDO R . 11.80 -17.52 1.88
O2 EDO R . 11.68 -17.10 0.52
C1 EDO S . -1.96 -30.56 11.77
O1 EDO S . -1.00 -29.57 11.46
C2 EDO S . -1.90 -31.71 10.77
O2 EDO S . -2.04 -31.24 9.44
MG MG T . -1.20 18.21 -7.58
N SAH U . 0.53 23.90 3.99
CA SAH U . -0.91 24.12 4.07
CB SAH U . -1.43 24.66 2.73
CG SAH U . -0.63 25.89 2.32
SD SAH U . -1.60 27.01 1.26
C SAH U . -1.64 22.84 4.46
O SAH U . -2.71 22.55 3.93
OXT SAH U . -1.06 22.18 5.34
C5' SAH U . -0.39 28.34 1.07
C4' SAH U . -0.52 29.33 2.20
O4' SAH U . 0.49 30.34 2.11
C3' SAH U . -1.86 30.07 2.18
O3' SAH U . -2.61 29.69 3.31
C2' SAH U . -1.46 31.55 2.21
O2' SAH U . -2.33 32.29 3.02
C1' SAH U . -0.02 31.48 2.73
N9 SAH U . 0.76 32.67 2.46
C8 SAH U . 1.11 33.19 1.24
N7 SAH U . 1.81 34.28 1.33
C5 SAH U . 1.94 34.50 2.68
C6 SAH U . 2.57 35.51 3.44
N6 SAH U . 3.23 36.54 2.90
N1 SAH U . 2.51 35.43 4.78
C2 SAH U . 1.85 34.42 5.33
N3 SAH U . 1.22 33.40 4.72
C4 SAH U . 1.29 33.51 3.40
C1 EDO V . 22.50 14.45 3.95
O1 EDO V . 23.25 14.81 5.09
C2 EDO V . 22.75 13.00 3.63
O2 EDO V . 21.96 12.21 4.49
C1 EDO W . 23.84 13.62 18.82
O1 EDO W . 24.39 14.43 19.83
C2 EDO W . 23.87 12.17 19.21
O2 EDO W . 23.08 11.43 18.32
C1 EDO X . 21.53 36.73 15.49
O1 EDO X . 22.77 36.12 15.13
C2 EDO X . 20.93 37.45 14.31
O2 EDO X . 19.52 37.56 14.50
C1 EDO Y . 24.70 27.42 -10.63
O1 EDO Y . 25.37 27.31 -9.40
C2 EDO Y . 25.50 26.74 -11.71
O2 EDO Y . 25.37 25.34 -11.56
C1 EDO Z . 22.44 16.86 -18.62
O1 EDO Z . 22.66 17.40 -19.91
C2 EDO Z . 21.78 15.52 -18.73
O2 EDO Z . 20.56 15.64 -19.44
C1 EDO AA . 4.10 38.22 0.23
O1 EDO AA . 3.27 39.37 0.39
C2 EDO AA . 3.50 37.24 -0.75
O2 EDO AA . 2.34 36.63 -0.21
ZN ZN BA . -10.58 22.74 21.30
ZN ZN CA . -12.03 2.40 31.82
C1 EDO DA . -6.36 25.05 24.56
O1 EDO DA . -5.25 25.77 25.04
C2 EDO DA . -7.60 25.91 24.65
O2 EDO DA . -7.41 27.11 23.93
PA M7G EA . 3.79 -14.18 -25.56
O1A M7G EA . 2.55 -14.97 -26.09
O2A M7G EA . 4.65 -15.06 -24.82
O3A M7G EA . 3.23 -12.96 -24.57
O5' M7G EA . 4.59 -13.46 -26.84
PB M7G EA . 4.15 -12.24 -23.44
O1B M7G EA . 5.60 -12.00 -24.01
O2B M7G EA . 3.50 -10.93 -23.11
O3B M7G EA . 4.17 -13.15 -22.27
C5' M7G EA . 5.76 -14.09 -27.32
C4' M7G EA . 6.65 -13.19 -27.85
O4' M7G EA . 5.98 -12.00 -28.52
C3' M7G EA . 7.52 -12.49 -26.69
O3' M7G EA . 8.57 -13.46 -26.16
C2' M7G EA . 7.99 -11.54 -27.26
O2' M7G EA . 9.25 -11.90 -28.03
C1' M7G EA . 6.81 -11.04 -28.38
N9 M7G EA . 6.27 -9.80 -27.94
C8 M7G EA . 5.11 -10.19 -27.38
N7 M7G EA . 4.50 -9.07 -26.92
CM7 M7G EA . 3.17 -9.16 -26.24
C5 M7G EA . 5.29 -8.02 -27.18
C6 M7G EA . 5.15 -6.52 -26.91
O6 M7G EA . 4.22 -6.11 -26.37
N1 M7G EA . 6.18 -5.62 -27.31
C2 M7G EA . 7.35 -6.12 -27.98
N2 M7G EA . 8.39 -5.22 -28.40
N3 M7G EA . 7.48 -7.54 -28.24
C4 M7G EA . 6.41 -8.47 -27.81
PA M7G FA . 3.05 27.28 -10.87
O1A M7G FA . 4.32 28.06 -10.38
O2A M7G FA . 1.92 27.61 -10.04
O3A M7G FA . 3.39 25.65 -10.73
O5' M7G FA . 2.73 27.63 -12.48
PB M7G FA . 2.23 24.50 -10.62
O1B M7G FA . 1.09 24.86 -11.64
O2B M7G FA . 2.85 23.17 -10.97
O3B M7G FA . 1.71 24.47 -9.23
C5' M7G FA . 1.70 28.56 -12.80
C4' M7G FA . 1.11 28.28 -14.00
O4' M7G FA . 2.05 27.70 -15.04
C3' M7G FA . 0.01 27.11 -13.85
O3' M7G FA . -1.26 27.64 -13.19
C2' M7G FA . -0.19 26.76 -15.00
O2' M7G FA . -1.20 27.63 -15.70
C1' M7G FA . 1.31 26.94 -15.76
N9 M7G FA . 1.83 25.64 -16.04
C8 M7G FA . 2.72 25.47 -15.04
N7 M7G FA . 3.28 24.26 -15.20
CM7 M7G FA . 4.31 23.76 -14.25
C5 M7G FA . 2.73 23.68 -16.28
C6 M7G FA . 2.95 22.32 -16.95
O6 M7G FA . 3.72 21.58 -16.51
N1 M7G FA . 2.20 21.98 -18.11
C2 M7G FA . 1.24 22.91 -18.66
N2 M7G FA . 0.49 22.57 -19.82
N3 M7G FA . 1.04 24.19 -18.02
C4 M7G FA . 1.82 24.54 -16.79
#